data_2V75
# 
_entry.id   2V75 
# 
_audit_conform.dict_name       mmcif_pdbx.dic 
_audit_conform.dict_version    5.391 
_audit_conform.dict_location   http://mmcif.pdb.org/dictionaries/ascii/mmcif_pdbx.dic 
# 
loop_
_database_2.database_id 
_database_2.database_code 
_database_2.pdbx_database_accession 
_database_2.pdbx_DOI 
PDB   2V75         pdb_00002v75 10.2210/pdb2v75/pdb 
PDBE  EBI-33282    ?            ?                   
WWPDB D_1290033282 ?            ?                   
# 
loop_
_pdbx_audit_revision_history.ordinal 
_pdbx_audit_revision_history.data_content_type 
_pdbx_audit_revision_history.major_revision 
_pdbx_audit_revision_history.minor_revision 
_pdbx_audit_revision_history.revision_date 
1 'Structure model' 1 0 2008-01-29 
2 'Structure model' 1 1 2011-07-13 
3 'Structure model' 1 2 2024-05-01 
# 
_pdbx_audit_revision_details.ordinal             1 
_pdbx_audit_revision_details.revision_ordinal    1 
_pdbx_audit_revision_details.data_content_type   'Structure model' 
_pdbx_audit_revision_details.provider            repository 
_pdbx_audit_revision_details.type                'Initial release' 
_pdbx_audit_revision_details.description         ? 
_pdbx_audit_revision_details.details             ? 
# 
loop_
_pdbx_audit_revision_group.ordinal 
_pdbx_audit_revision_group.revision_ordinal 
_pdbx_audit_revision_group.data_content_type 
_pdbx_audit_revision_group.group 
1 2 'Structure model' Advisory                    
2 2 'Structure model' 'Version format compliance' 
3 3 'Structure model' 'Data collection'           
4 3 'Structure model' 'Database references'       
5 3 'Structure model' Other                       
6 3 'Structure model' 'Refinement description'    
# 
loop_
_pdbx_audit_revision_category.ordinal 
_pdbx_audit_revision_category.revision_ordinal 
_pdbx_audit_revision_category.data_content_type 
_pdbx_audit_revision_category.category 
1 3 'Structure model' chem_comp_atom                
2 3 'Structure model' chem_comp_bond                
3 3 'Structure model' database_2                    
4 3 'Structure model' pdbx_database_status          
5 3 'Structure model' pdbx_initial_refinement_model 
# 
loop_
_pdbx_audit_revision_item.ordinal 
_pdbx_audit_revision_item.revision_ordinal 
_pdbx_audit_revision_item.data_content_type 
_pdbx_audit_revision_item.item 
1 3 'Structure model' '_database_2.pdbx_DOI'                 
2 3 'Structure model' '_database_2.pdbx_database_accession'  
3 3 'Structure model' '_pdbx_database_status.status_code_sf' 
# 
_pdbx_database_status.status_code                     REL 
_pdbx_database_status.entry_id                        2V75 
_pdbx_database_status.deposit_site                    PDBE 
_pdbx_database_status.process_site                    PDBE 
_pdbx_database_status.SG_entry                        . 
_pdbx_database_status.recvd_initial_deposition_date   2007-07-26 
_pdbx_database_status.pdb_format_compatible           Y 
_pdbx_database_status.status_code_sf                  REL 
_pdbx_database_status.status_code_mr                  ? 
_pdbx_database_status.status_code_cs                  ? 
_pdbx_database_status.methods_development_category    ? 
_pdbx_database_status.status_code_nmr_data            ? 
# 
loop_
_audit_author.name 
_audit_author.pdbx_ordinal 
'Grant, R.P.'    1 
'Marshall, N.J.' 2 
'Stewart, M.'    3 
# 
_citation.id                        primary 
_citation.title                     
'Structure of the N-Terminal Mlp1-Binding Domain of the Saccharomyces Cerevisiae Mrna-Binding Protein, Nab2.' 
_citation.journal_abbrev            J.Mol.Biol. 
_citation.journal_volume            376 
_citation.page_first                1048 
_citation.page_last                 ? 
_citation.year                      2008 
_citation.journal_id_ASTM           JMOBAK 
_citation.country                   UK 
_citation.journal_id_ISSN           0022-2836 
_citation.journal_id_CSD            0070 
_citation.book_publisher            ? 
_citation.pdbx_database_id_PubMed   18190927 
_citation.pdbx_database_id_DOI      10.1016/J.JMB.2007.11.087 
# 
loop_
_citation_author.citation_id 
_citation_author.name 
_citation_author.ordinal 
_citation_author.identifier_ORCID 
primary 'Grant, R.P.'    1 ? 
primary 'Marshall, N.J.' 2 ? 
primary 'Yang, J.-C.'    3 ? 
primary 'Fasken, M.B.'   4 ? 
primary 'Kelly, S.M.'    5 ? 
primary 'Harreman, M.T.' 6 ? 
primary 'Neuhaus, D.'    7 ? 
primary 'Corbett, A.H.'  8 ? 
primary 'Stewart, M.'    9 ? 
# 
loop_
_entity.id 
_entity.type 
_entity.src_method 
_entity.pdbx_description 
_entity.formula_weight 
_entity.pdbx_number_of_molecules 
_entity.pdbx_ec 
_entity.pdbx_mutation 
_entity.pdbx_fragment 
_entity.details 
1 polymer man 'NUCLEAR POLYADENYLATED RNA-BINDING PROTEIN NAB2' 11390.797 1  ? ? 'N-TERMINAL DOMAIN, RESIDUES 1-104' ? 
2 water   nat water                                             18.015    59 ? ? ?                                   ? 
# 
_entity_poly.entity_id                      1 
_entity_poly.type                           'polypeptide(L)' 
_entity_poly.nstd_linkage                   no 
_entity_poly.nstd_monomer                   no 
_entity_poly.pdbx_seq_one_letter_code       
;MSQEQYTENLKVIVAEKLAGIPNFNEDIKYVAEYIVLLIVNGGTVESVVDELASLFDSVSRDTLANVVQTAFFALEALQQ
GESAENIVSKIRMMNAQSLGQSDI
;
_entity_poly.pdbx_seq_one_letter_code_can   
;MSQEQYTENLKVIVAEKLAGIPNFNEDIKYVAEYIVLLIVNGGTVESVVDELASLFDSVSRDTLANVVQTAFFALEALQQ
GESAENIVSKIRMMNAQSLGQSDI
;
_entity_poly.pdbx_strand_id                 A 
_entity_poly.pdbx_target_identifier         ? 
# 
_pdbx_entity_nonpoly.entity_id   2 
_pdbx_entity_nonpoly.name        water 
_pdbx_entity_nonpoly.comp_id     HOH 
# 
loop_
_entity_poly_seq.entity_id 
_entity_poly_seq.num 
_entity_poly_seq.mon_id 
_entity_poly_seq.hetero 
1 1   MET n 
1 2   SER n 
1 3   GLN n 
1 4   GLU n 
1 5   GLN n 
1 6   TYR n 
1 7   THR n 
1 8   GLU n 
1 9   ASN n 
1 10  LEU n 
1 11  LYS n 
1 12  VAL n 
1 13  ILE n 
1 14  VAL n 
1 15  ALA n 
1 16  GLU n 
1 17  LYS n 
1 18  LEU n 
1 19  ALA n 
1 20  GLY n 
1 21  ILE n 
1 22  PRO n 
1 23  ASN n 
1 24  PHE n 
1 25  ASN n 
1 26  GLU n 
1 27  ASP n 
1 28  ILE n 
1 29  LYS n 
1 30  TYR n 
1 31  VAL n 
1 32  ALA n 
1 33  GLU n 
1 34  TYR n 
1 35  ILE n 
1 36  VAL n 
1 37  LEU n 
1 38  LEU n 
1 39  ILE n 
1 40  VAL n 
1 41  ASN n 
1 42  GLY n 
1 43  GLY n 
1 44  THR n 
1 45  VAL n 
1 46  GLU n 
1 47  SER n 
1 48  VAL n 
1 49  VAL n 
1 50  ASP n 
1 51  GLU n 
1 52  LEU n 
1 53  ALA n 
1 54  SER n 
1 55  LEU n 
1 56  PHE n 
1 57  ASP n 
1 58  SER n 
1 59  VAL n 
1 60  SER n 
1 61  ARG n 
1 62  ASP n 
1 63  THR n 
1 64  LEU n 
1 65  ALA n 
1 66  ASN n 
1 67  VAL n 
1 68  VAL n 
1 69  GLN n 
1 70  THR n 
1 71  ALA n 
1 72  PHE n 
1 73  PHE n 
1 74  ALA n 
1 75  LEU n 
1 76  GLU n 
1 77  ALA n 
1 78  LEU n 
1 79  GLN n 
1 80  GLN n 
1 81  GLY n 
1 82  GLU n 
1 83  SER n 
1 84  ALA n 
1 85  GLU n 
1 86  ASN n 
1 87  ILE n 
1 88  VAL n 
1 89  SER n 
1 90  LYS n 
1 91  ILE n 
1 92  ARG n 
1 93  MET n 
1 94  MET n 
1 95  ASN n 
1 96  ALA n 
1 97  GLN n 
1 98  SER n 
1 99  LEU n 
1 100 GLY n 
1 101 GLN n 
1 102 SER n 
1 103 ASP n 
1 104 ILE n 
# 
_entity_src_gen.entity_id                          1 
_entity_src_gen.pdbx_src_id                        1 
_entity_src_gen.pdbx_alt_source_flag               sample 
_entity_src_gen.pdbx_seq_type                      ? 
_entity_src_gen.pdbx_beg_seq_num                   ? 
_entity_src_gen.pdbx_end_seq_num                   ? 
_entity_src_gen.gene_src_common_name               
;BAKER'S YEAST
;
_entity_src_gen.gene_src_genus                     ? 
_entity_src_gen.pdbx_gene_src_gene                 ? 
_entity_src_gen.gene_src_species                   ? 
_entity_src_gen.gene_src_strain                    ? 
_entity_src_gen.gene_src_tissue                    ? 
_entity_src_gen.gene_src_tissue_fraction           ? 
_entity_src_gen.gene_src_details                   ? 
_entity_src_gen.pdbx_gene_src_fragment             ? 
_entity_src_gen.pdbx_gene_src_scientific_name      'SACCHAROMYCES CEREVISIAE' 
_entity_src_gen.pdbx_gene_src_ncbi_taxonomy_id     4932 
_entity_src_gen.pdbx_gene_src_variant              ? 
_entity_src_gen.pdbx_gene_src_cell_line            ? 
_entity_src_gen.pdbx_gene_src_atcc                 ? 
_entity_src_gen.pdbx_gene_src_organ                ? 
_entity_src_gen.pdbx_gene_src_organelle            ? 
_entity_src_gen.pdbx_gene_src_cell                 ? 
_entity_src_gen.pdbx_gene_src_cellular_location    ? 
_entity_src_gen.host_org_common_name               ? 
_entity_src_gen.pdbx_host_org_scientific_name      'ESCHERICHIA COLI' 
_entity_src_gen.pdbx_host_org_ncbi_taxonomy_id     469008 
_entity_src_gen.host_org_genus                     ? 
_entity_src_gen.pdbx_host_org_gene                 ? 
_entity_src_gen.pdbx_host_org_organ                ? 
_entity_src_gen.host_org_species                   ? 
_entity_src_gen.pdbx_host_org_tissue               ? 
_entity_src_gen.pdbx_host_org_tissue_fraction      ? 
_entity_src_gen.pdbx_host_org_strain               'BL21(DE3)' 
_entity_src_gen.pdbx_host_org_variant              ? 
_entity_src_gen.pdbx_host_org_cell_line            ? 
_entity_src_gen.pdbx_host_org_atcc                 ? 
_entity_src_gen.pdbx_host_org_culture_collection   ? 
_entity_src_gen.pdbx_host_org_cell                 ? 
_entity_src_gen.pdbx_host_org_organelle            ? 
_entity_src_gen.pdbx_host_org_cellular_location    ? 
_entity_src_gen.pdbx_host_org_vector_type          ? 
_entity_src_gen.pdbx_host_org_vector               ? 
_entity_src_gen.host_org_details                   ? 
_entity_src_gen.expression_system_id               ? 
_entity_src_gen.plasmid_name                       ? 
_entity_src_gen.plasmid_details                    ? 
_entity_src_gen.pdbx_description                   ? 
# 
loop_
_chem_comp.id 
_chem_comp.type 
_chem_comp.mon_nstd_flag 
_chem_comp.name 
_chem_comp.pdbx_synonyms 
_chem_comp.formula 
_chem_comp.formula_weight 
ALA 'L-peptide linking' y ALANINE         ? 'C3 H7 N O2'     89.093  
ARG 'L-peptide linking' y ARGININE        ? 'C6 H15 N4 O2 1' 175.209 
ASN 'L-peptide linking' y ASPARAGINE      ? 'C4 H8 N2 O3'    132.118 
ASP 'L-peptide linking' y 'ASPARTIC ACID' ? 'C4 H7 N O4'     133.103 
GLN 'L-peptide linking' y GLUTAMINE       ? 'C5 H10 N2 O3'   146.144 
GLU 'L-peptide linking' y 'GLUTAMIC ACID' ? 'C5 H9 N O4'     147.129 
GLY 'peptide linking'   y GLYCINE         ? 'C2 H5 N O2'     75.067  
HOH non-polymer         . WATER           ? 'H2 O'           18.015  
ILE 'L-peptide linking' y ISOLEUCINE      ? 'C6 H13 N O2'    131.173 
LEU 'L-peptide linking' y LEUCINE         ? 'C6 H13 N O2'    131.173 
LYS 'L-peptide linking' y LYSINE          ? 'C6 H15 N2 O2 1' 147.195 
MET 'L-peptide linking' y METHIONINE      ? 'C5 H11 N O2 S'  149.211 
PHE 'L-peptide linking' y PHENYLALANINE   ? 'C9 H11 N O2'    165.189 
PRO 'L-peptide linking' y PROLINE         ? 'C5 H9 N O2'     115.130 
SER 'L-peptide linking' y SERINE          ? 'C3 H7 N O3'     105.093 
THR 'L-peptide linking' y THREONINE       ? 'C4 H9 N O3'     119.119 
TYR 'L-peptide linking' y TYROSINE        ? 'C9 H11 N O3'    181.189 
VAL 'L-peptide linking' y VALINE          ? 'C5 H11 N O2'    117.146 
# 
loop_
_pdbx_poly_seq_scheme.asym_id 
_pdbx_poly_seq_scheme.entity_id 
_pdbx_poly_seq_scheme.seq_id 
_pdbx_poly_seq_scheme.mon_id 
_pdbx_poly_seq_scheme.ndb_seq_num 
_pdbx_poly_seq_scheme.pdb_seq_num 
_pdbx_poly_seq_scheme.auth_seq_num 
_pdbx_poly_seq_scheme.pdb_mon_id 
_pdbx_poly_seq_scheme.auth_mon_id 
_pdbx_poly_seq_scheme.pdb_strand_id 
_pdbx_poly_seq_scheme.pdb_ins_code 
_pdbx_poly_seq_scheme.hetero 
A 1 1   MET 1   1   ?  ?   ?   A . n 
A 1 2   SER 2   2   ?  ?   ?   A . n 
A 1 3   GLN 3   3   ?  ?   ?   A . n 
A 1 4   GLU 4   4   ?  ?   ?   A . n 
A 1 5   GLN 5   5   ?  ?   ?   A . n 
A 1 6   TYR 6   6   6  TYR TYR A . n 
A 1 7   THR 7   7   7  THR THR A . n 
A 1 8   GLU 8   8   8  GLU GLU A . n 
A 1 9   ASN 9   9   9  ASN ASN A . n 
A 1 10  LEU 10  10  10 LEU LEU A . n 
A 1 11  LYS 11  11  11 LYS LYS A . n 
A 1 12  VAL 12  12  12 VAL VAL A . n 
A 1 13  ILE 13  13  13 ILE ILE A . n 
A 1 14  VAL 14  14  14 VAL VAL A . n 
A 1 15  ALA 15  15  15 ALA ALA A . n 
A 1 16  GLU 16  16  16 GLU GLU A . n 
A 1 17  LYS 17  17  17 LYS LYS A . n 
A 1 18  LEU 18  18  18 LEU LEU A . n 
A 1 19  ALA 19  19  19 ALA ALA A . n 
A 1 20  GLY 20  20  20 GLY GLY A . n 
A 1 21  ILE 21  21  21 ILE ILE A . n 
A 1 22  PRO 22  22  22 PRO PRO A . n 
A 1 23  ASN 23  23  23 ASN ASN A . n 
A 1 24  PHE 24  24  24 PHE PHE A . n 
A 1 25  ASN 25  25  25 ASN ASN A . n 
A 1 26  GLU 26  26  26 GLU GLU A . n 
A 1 27  ASP 27  27  27 ASP ASP A . n 
A 1 28  ILE 28  28  28 ILE ILE A . n 
A 1 29  LYS 29  29  29 LYS LYS A . n 
A 1 30  TYR 30  30  30 TYR TYR A . n 
A 1 31  VAL 31  31  31 VAL VAL A . n 
A 1 32  ALA 32  32  32 ALA ALA A . n 
A 1 33  GLU 33  33  33 GLU GLU A . n 
A 1 34  TYR 34  34  34 TYR TYR A . n 
A 1 35  ILE 35  35  35 ILE ILE A . n 
A 1 36  VAL 36  36  36 VAL VAL A . n 
A 1 37  LEU 37  37  37 LEU LEU A . n 
A 1 38  LEU 38  38  38 LEU LEU A . n 
A 1 39  ILE 39  39  39 ILE ILE A . n 
A 1 40  VAL 40  40  40 VAL VAL A . n 
A 1 41  ASN 41  41  41 ASN ASN A . n 
A 1 42  GLY 42  42  42 GLY GLY A . n 
A 1 43  GLY 43  43  43 GLY GLY A . n 
A 1 44  THR 44  44  44 THR THR A . n 
A 1 45  VAL 45  45  45 VAL VAL A . n 
A 1 46  GLU 46  46  46 GLU GLU A . n 
A 1 47  SER 47  47  47 SER SER A . n 
A 1 48  VAL 48  48  48 VAL VAL A . n 
A 1 49  VAL 49  49  49 VAL VAL A . n 
A 1 50  ASP 50  50  50 ASP ASP A . n 
A 1 51  GLU 51  51  51 GLU GLU A . n 
A 1 52  LEU 52  52  52 LEU LEU A . n 
A 1 53  ALA 53  53  53 ALA ALA A . n 
A 1 54  SER 54  54  54 SER SER A . n 
A 1 55  LEU 55  55  55 LEU LEU A . n 
A 1 56  PHE 56  56  56 PHE PHE A . n 
A 1 57  ASP 57  57  57 ASP ASP A . n 
A 1 58  SER 58  58  58 SER SER A . n 
A 1 59  VAL 59  59  59 VAL VAL A . n 
A 1 60  SER 60  60  60 SER SER A . n 
A 1 61  ARG 61  61  61 ARG ARG A . n 
A 1 62  ASP 62  62  62 ASP ASP A . n 
A 1 63  THR 63  63  63 THR THR A . n 
A 1 64  LEU 64  64  64 LEU LEU A . n 
A 1 65  ALA 65  65  65 ALA ALA A . n 
A 1 66  ASN 66  66  66 ASN ASN A . n 
A 1 67  VAL 67  67  67 VAL VAL A . n 
A 1 68  VAL 68  68  68 VAL VAL A . n 
A 1 69  GLN 69  69  69 GLN GLN A . n 
A 1 70  THR 70  70  70 THR THR A . n 
A 1 71  ALA 71  71  71 ALA ALA A . n 
A 1 72  PHE 72  72  72 PHE PHE A . n 
A 1 73  PHE 73  73  73 PHE PHE A . n 
A 1 74  ALA 74  74  74 ALA ALA A . n 
A 1 75  LEU 75  75  75 LEU LEU A . n 
A 1 76  GLU 76  76  76 GLU GLU A . n 
A 1 77  ALA 77  77  77 ALA ALA A . n 
A 1 78  LEU 78  78  78 LEU LEU A . n 
A 1 79  GLN 79  79  79 GLN GLN A . n 
A 1 80  GLN 80  80  80 GLN GLN A . n 
A 1 81  GLY 81  81  81 GLY GLY A . n 
A 1 82  GLU 82  82  82 GLU GLU A . n 
A 1 83  SER 83  83  83 SER SER A . n 
A 1 84  ALA 84  84  84 ALA ALA A . n 
A 1 85  GLU 85  85  85 GLU GLU A . n 
A 1 86  ASN 86  86  86 ASN ASN A . n 
A 1 87  ILE 87  87  87 ILE ILE A . n 
A 1 88  VAL 88  88  88 VAL VAL A . n 
A 1 89  SER 89  89  89 SER SER A . n 
A 1 90  LYS 90  90  90 LYS LYS A . n 
A 1 91  ILE 91  91  91 ILE ILE A . n 
A 1 92  ARG 92  92  92 ARG ARG A . n 
A 1 93  MET 93  93  93 MET MET A . n 
A 1 94  MET 94  94  94 MET MET A . n 
A 1 95  ASN 95  95  95 ASN ASN A . n 
A 1 96  ALA 96  96  ?  ?   ?   A . n 
A 1 97  GLN 97  97  ?  ?   ?   A . n 
A 1 98  SER 98  98  ?  ?   ?   A . n 
A 1 99  LEU 99  99  ?  ?   ?   A . n 
A 1 100 GLY 100 100 ?  ?   ?   A . n 
A 1 101 GLN 101 101 ?  ?   ?   A . n 
A 1 102 SER 102 102 ?  ?   ?   A . n 
A 1 103 ASP 103 103 ?  ?   ?   A . n 
A 1 104 ILE 104 104 ?  ?   ?   A . n 
# 
loop_
_pdbx_nonpoly_scheme.asym_id 
_pdbx_nonpoly_scheme.entity_id 
_pdbx_nonpoly_scheme.mon_id 
_pdbx_nonpoly_scheme.ndb_seq_num 
_pdbx_nonpoly_scheme.pdb_seq_num 
_pdbx_nonpoly_scheme.auth_seq_num 
_pdbx_nonpoly_scheme.pdb_mon_id 
_pdbx_nonpoly_scheme.auth_mon_id 
_pdbx_nonpoly_scheme.pdb_strand_id 
_pdbx_nonpoly_scheme.pdb_ins_code 
B 2 HOH 1  2001 2001 HOH HOH A . 
B 2 HOH 2  2002 2002 HOH HOH A . 
B 2 HOH 3  2003 2003 HOH HOH A . 
B 2 HOH 4  2004 2004 HOH HOH A . 
B 2 HOH 5  2005 2005 HOH HOH A . 
B 2 HOH 6  2006 2006 HOH HOH A . 
B 2 HOH 7  2007 2007 HOH HOH A . 
B 2 HOH 8  2008 2008 HOH HOH A . 
B 2 HOH 9  2009 2009 HOH HOH A . 
B 2 HOH 10 2010 2010 HOH HOH A . 
B 2 HOH 11 2011 2011 HOH HOH A . 
B 2 HOH 12 2012 2012 HOH HOH A . 
B 2 HOH 13 2013 2013 HOH HOH A . 
B 2 HOH 14 2014 2014 HOH HOH A . 
B 2 HOH 15 2015 2015 HOH HOH A . 
B 2 HOH 16 2016 2016 HOH HOH A . 
B 2 HOH 17 2017 2017 HOH HOH A . 
B 2 HOH 18 2018 2018 HOH HOH A . 
B 2 HOH 19 2019 2019 HOH HOH A . 
B 2 HOH 20 2020 2020 HOH HOH A . 
B 2 HOH 21 2021 2021 HOH HOH A . 
B 2 HOH 22 2022 2022 HOH HOH A . 
B 2 HOH 23 2023 2023 HOH HOH A . 
B 2 HOH 24 2024 2024 HOH HOH A . 
B 2 HOH 25 2025 2025 HOH HOH A . 
B 2 HOH 26 2026 2026 HOH HOH A . 
B 2 HOH 27 2027 2027 HOH HOH A . 
B 2 HOH 28 2028 2028 HOH HOH A . 
B 2 HOH 29 2029 2029 HOH HOH A . 
B 2 HOH 30 2030 2030 HOH HOH A . 
B 2 HOH 31 2031 2031 HOH HOH A . 
B 2 HOH 32 2032 2032 HOH HOH A . 
B 2 HOH 33 2033 2033 HOH HOH A . 
B 2 HOH 34 2034 2034 HOH HOH A . 
B 2 HOH 35 2035 2035 HOH HOH A . 
B 2 HOH 36 2036 2036 HOH HOH A . 
B 2 HOH 37 2037 2037 HOH HOH A . 
B 2 HOH 38 2038 2038 HOH HOH A . 
B 2 HOH 39 2039 2039 HOH HOH A . 
B 2 HOH 40 2040 2040 HOH HOH A . 
B 2 HOH 41 2041 2041 HOH HOH A . 
B 2 HOH 42 2042 2042 HOH HOH A . 
B 2 HOH 43 2043 2043 HOH HOH A . 
B 2 HOH 44 2044 2044 HOH HOH A . 
B 2 HOH 45 2045 2045 HOH HOH A . 
B 2 HOH 46 2046 2046 HOH HOH A . 
B 2 HOH 47 2047 2047 HOH HOH A . 
B 2 HOH 48 2048 2048 HOH HOH A . 
B 2 HOH 49 2049 2049 HOH HOH A . 
B 2 HOH 50 2050 2050 HOH HOH A . 
B 2 HOH 51 2051 2051 HOH HOH A . 
B 2 HOH 52 2052 2052 HOH HOH A . 
B 2 HOH 53 2053 2053 HOH HOH A . 
B 2 HOH 54 2054 2054 HOH HOH A . 
B 2 HOH 55 2055 2055 HOH HOH A . 
B 2 HOH 56 2056 2056 HOH HOH A . 
B 2 HOH 57 2057 2057 HOH HOH A . 
B 2 HOH 58 2058 2058 HOH HOH A . 
B 2 HOH 59 2059 2059 HOH HOH A . 
# 
loop_
_pdbx_unobs_or_zero_occ_atoms.id 
_pdbx_unobs_or_zero_occ_atoms.PDB_model_num 
_pdbx_unobs_or_zero_occ_atoms.polymer_flag 
_pdbx_unobs_or_zero_occ_atoms.occupancy_flag 
_pdbx_unobs_or_zero_occ_atoms.auth_asym_id 
_pdbx_unobs_or_zero_occ_atoms.auth_comp_id 
_pdbx_unobs_or_zero_occ_atoms.auth_seq_id 
_pdbx_unobs_or_zero_occ_atoms.PDB_ins_code 
_pdbx_unobs_or_zero_occ_atoms.auth_atom_id 
_pdbx_unobs_or_zero_occ_atoms.label_alt_id 
_pdbx_unobs_or_zero_occ_atoms.label_asym_id 
_pdbx_unobs_or_zero_occ_atoms.label_comp_id 
_pdbx_unobs_or_zero_occ_atoms.label_seq_id 
_pdbx_unobs_or_zero_occ_atoms.label_atom_id 
1 1 Y 1 A ASN 95 ? CA  ? A ASN 95 CA  
2 1 Y 1 A ASN 95 ? C   ? A ASN 95 C   
3 1 Y 1 A ASN 95 ? O   ? A ASN 95 O   
4 1 Y 1 A ASN 95 ? CB  ? A ASN 95 CB  
5 1 Y 1 A ASN 95 ? CG  ? A ASN 95 CG  
6 1 Y 1 A ASN 95 ? OD1 ? A ASN 95 OD1 
7 1 Y 1 A ASN 95 ? ND2 ? A ASN 95 ND2 
# 
loop_
_software.name 
_software.classification 
_software.version 
_software.citation_id 
_software.pdbx_ordinal 
REFMAC refinement       5.3.0037 ? 1 
MOSFLM 'data reduction' .        ? 2 
SCALA  'data scaling'   .        ? 3 
PHASER phasing          .        ? 4 
# 
_cell.entry_id           2V75 
_cell.length_a           48.136 
_cell.length_b           48.136 
_cell.length_c           81.219 
_cell.angle_alpha        90.00 
_cell.angle_beta         90.00 
_cell.angle_gamma        90.00 
_cell.Z_PDB              8 
_cell.pdbx_unique_axis   ? 
# 
_symmetry.entry_id                         2V75 
_symmetry.space_group_name_H-M             'P 43 21 2' 
_symmetry.pdbx_full_space_group_name_H-M   ? 
_symmetry.cell_setting                     ? 
_symmetry.Int_Tables_number                96 
# 
_exptl.entry_id          2V75 
_exptl.method            'X-RAY DIFFRACTION' 
_exptl.crystals_number   1 
# 
_exptl_crystal.id                    1 
_exptl_crystal.density_meas          ? 
_exptl_crystal.density_Matthews      2.25 
_exptl_crystal.density_percent_sol   66 
_exptl_crystal.description           'NMR STRUCTRE WILL BE PUBLISHED TOGETHER WITH CRYSTAL STRUCTURE' 
# 
_exptl_crystal_grow.crystal_id      1 
_exptl_crystal_grow.method          ? 
_exptl_crystal_grow.temp            ? 
_exptl_crystal_grow.temp_details    ? 
_exptl_crystal_grow.pH              ? 
_exptl_crystal_grow.pdbx_pH_range   ? 
_exptl_crystal_grow.pdbx_details    'DESCRIBED IN DETAIL IN PUBLICATION' 
# 
_diffrn.id                     1 
_diffrn.ambient_temp           100 
_diffrn.ambient_temp_details   ? 
_diffrn.crystal_id             1 
# 
_diffrn_detector.diffrn_id              1 
_diffrn_detector.detector               'IMAGE PLATE' 
_diffrn_detector.type                   MARRESEARCH 
_diffrn_detector.pdbx_collection_date   2006-02-10 
_diffrn_detector.details                MIRRORS 
# 
_diffrn_radiation.diffrn_id                        1 
_diffrn_radiation.wavelength_id                    1 
_diffrn_radiation.pdbx_monochromatic_or_laue_m_l   M 
_diffrn_radiation.monochromator                    'NI FILTER' 
_diffrn_radiation.pdbx_diffrn_protocol             'SINGLE WAVELENGTH' 
_diffrn_radiation.pdbx_scattering_type             x-ray 
# 
_diffrn_radiation_wavelength.id           1 
_diffrn_radiation_wavelength.wavelength   1.5418 
_diffrn_radiation_wavelength.wt           1.0 
# 
_diffrn_source.diffrn_id                   1 
_diffrn_source.source                      'ROTATING ANODE' 
_diffrn_source.type                        'RIGAKU RU200' 
_diffrn_source.pdbx_synchrotron_site       ? 
_diffrn_source.pdbx_synchrotron_beamline   ? 
_diffrn_source.pdbx_wavelength             1.5418 
_diffrn_source.pdbx_wavelength_list        ? 
# 
_reflns.pdbx_diffrn_id               1 
_reflns.pdbx_ordinal                 1 
_reflns.entry_id                     2V75 
_reflns.observed_criterion_sigma_I   2.0 
_reflns.observed_criterion_sigma_F   ? 
_reflns.d_resolution_low             20.00 
_reflns.d_resolution_high            1.80 
_reflns.number_obs                   9015 
_reflns.number_all                   ? 
_reflns.percent_possible_obs         96.4 
_reflns.pdbx_Rmerge_I_obs            0.04 
_reflns.pdbx_Rsym_value              ? 
_reflns.pdbx_netI_over_sigmaI        19.10 
_reflns.B_iso_Wilson_estimate        ? 
_reflns.pdbx_redundancy              3.3 
# 
_reflns_shell.pdbx_diffrn_id         1 
_reflns_shell.pdbx_ordinal           1 
_reflns_shell.d_res_high             1.80 
_reflns_shell.d_res_low              1.90 
_reflns_shell.percent_possible_all   94.2 
_reflns_shell.Rmerge_I_obs           0.39 
_reflns_shell.pdbx_Rsym_value        ? 
_reflns_shell.meanI_over_sigI_obs    3.30 
_reflns_shell.pdbx_redundancy        2.9 
# 
_refine.pdbx_refine_id                           'X-RAY DIFFRACTION' 
_refine.entry_id                                 2V75 
_refine.pdbx_diffrn_id                           1 
_refine.pdbx_TLS_residual_ADP_flag               'LIKELY RESIDUAL' 
_refine.ls_number_reflns_obs                     8556 
_refine.ls_number_reflns_all                     ? 
_refine.pdbx_ls_sigma_I                          ? 
_refine.pdbx_ls_sigma_F                          ? 
_refine.pdbx_data_cutoff_high_absF               ? 
_refine.pdbx_data_cutoff_low_absF                ? 
_refine.pdbx_data_cutoff_high_rms_absF           ? 
_refine.ls_d_res_low                             20.00 
_refine.ls_d_res_high                            1.80 
_refine.ls_percent_reflns_obs                    96.5 
_refine.ls_R_factor_obs                          0.197 
_refine.ls_R_factor_all                          ? 
_refine.ls_R_factor_R_work                       0.195 
_refine.ls_R_factor_R_free                       0.250 
_refine.ls_R_factor_R_free_error                 ? 
_refine.ls_R_factor_R_free_error_details         ? 
_refine.ls_percent_reflns_R_free                 4.700 
_refine.ls_number_reflns_R_free                  424 
_refine.ls_number_parameters                     ? 
_refine.ls_number_restraints                     ? 
_refine.occupancy_min                            ? 
_refine.occupancy_max                            ? 
_refine.correlation_coeff_Fo_to_Fc               0.962 
_refine.correlation_coeff_Fo_to_Fc_free          0.921 
_refine.B_iso_mean                               33.54 
_refine.aniso_B[1][1]                            0.67000 
_refine.aniso_B[2][2]                            0.67000 
_refine.aniso_B[3][3]                            -1.34000 
_refine.aniso_B[1][2]                            0.00000 
_refine.aniso_B[1][3]                            0.00000 
_refine.aniso_B[2][3]                            0.00000 
_refine.solvent_model_details                    'BABINET MODEL WITH MASK' 
_refine.solvent_model_param_ksol                 ? 
_refine.solvent_model_param_bsol                 ? 
_refine.pdbx_solvent_vdw_probe_radii             1.40 
_refine.pdbx_solvent_ion_probe_radii             0.80 
_refine.pdbx_solvent_shrinkage_radii             0.80 
_refine.pdbx_ls_cross_valid_method               THROUGHOUT 
_refine.details                                  'HYDROGENS HAVE BEEN ADDED IN THE RIDING POSITIONS' 
_refine.pdbx_starting_model                      'UNPUBLISHED NMR STRUCTURE' 
_refine.pdbx_method_to_determine_struct          'MOLECULAR REPLACEMENT' 
_refine.pdbx_isotropic_thermal_model             ? 
_refine.pdbx_stereochemistry_target_values       'MAXIMUM LIKELIHOOD' 
_refine.pdbx_stereochem_target_val_spec_case     ? 
_refine.pdbx_R_Free_selection_details            RANDOM 
_refine.pdbx_overall_ESU_R                       0.132 
_refine.pdbx_overall_ESU_R_Free                  0.137 
_refine.overall_SU_ML                            0.099 
_refine.pdbx_overall_phase_error                 ? 
_refine.overall_SU_B                             6.691 
_refine.overall_SU_R_Cruickshank_DPI             ? 
_refine.pdbx_overall_SU_R_free_Cruickshank_DPI   ? 
_refine.pdbx_overall_SU_R_Blow_DPI               ? 
_refine.pdbx_overall_SU_R_free_Blow_DPI          ? 
# 
_refine_hist.pdbx_refine_id                   'X-RAY DIFFRACTION' 
_refine_hist.cycle_id                         LAST 
_refine_hist.pdbx_number_atoms_protein        687 
_refine_hist.pdbx_number_atoms_nucleic_acid   0 
_refine_hist.pdbx_number_atoms_ligand         0 
_refine_hist.number_atoms_solvent             59 
_refine_hist.number_atoms_total               746 
_refine_hist.d_res_high                       1.80 
_refine_hist.d_res_low                        20.00 
# 
loop_
_refine_ls_restr.type 
_refine_ls_restr.dev_ideal 
_refine_ls_restr.dev_ideal_target 
_refine_ls_restr.weight 
_refine_ls_restr.number 
_refine_ls_restr.pdbx_refine_id 
_refine_ls_restr.pdbx_restraint_function 
r_bond_refined_d             0.016  0.022  ? 694  'X-RAY DIFFRACTION' ? 
r_bond_other_d               0.005  0.020  ? 438  'X-RAY DIFFRACTION' ? 
r_angle_refined_deg          1.648  1.972  ? 942  'X-RAY DIFFRACTION' ? 
r_angle_other_deg            0.961  3.000  ? 1085 'X-RAY DIFFRACTION' ? 
r_dihedral_angle_1_deg       4.696  5.000  ? 88   'X-RAY DIFFRACTION' ? 
r_dihedral_angle_2_deg       37.789 26.452 ? 31   'X-RAY DIFFRACTION' ? 
r_dihedral_angle_3_deg       16.035 15.000 ? 123  'X-RAY DIFFRACTION' ? 
r_dihedral_angle_4_deg       13.859 15.000 ? 2    'X-RAY DIFFRACTION' ? 
r_chiral_restr               0.091  0.200  ? 117  'X-RAY DIFFRACTION' ? 
r_gen_planes_refined         0.007  0.020  ? 771  'X-RAY DIFFRACTION' ? 
r_gen_planes_other           0.000  0.020  ? 127  'X-RAY DIFFRACTION' ? 
r_nbd_refined                0.252  0.300  ? 198  'X-RAY DIFFRACTION' ? 
r_nbd_other                  0.216  0.300  ? 448  'X-RAY DIFFRACTION' ? 
r_nbtor_refined              0.198  0.500  ? 361  'X-RAY DIFFRACTION' ? 
r_nbtor_other                0.093  0.500  ? 351  'X-RAY DIFFRACTION' ? 
r_xyhbond_nbd_refined        0.267  0.500  ? 67   'X-RAY DIFFRACTION' ? 
r_xyhbond_nbd_other          ?      ?      ? ?    'X-RAY DIFFRACTION' ? 
r_metal_ion_refined          ?      ?      ? ?    'X-RAY DIFFRACTION' ? 
r_metal_ion_other            ?      ?      ? ?    'X-RAY DIFFRACTION' ? 
r_symmetry_vdw_refined       0.310  0.300  ? 13   'X-RAY DIFFRACTION' ? 
r_symmetry_vdw_other         0.302  0.300  ? 19   'X-RAY DIFFRACTION' ? 
r_symmetry_hbond_refined     0.459  0.500  ? 14   'X-RAY DIFFRACTION' ? 
r_symmetry_hbond_other       ?      ?      ? ?    'X-RAY DIFFRACTION' ? 
r_symmetry_metal_ion_refined ?      ?      ? ?    'X-RAY DIFFRACTION' ? 
r_symmetry_metal_ion_other   ?      ?      ? ?    'X-RAY DIFFRACTION' ? 
r_mcbond_it                  4.223  5.000  ? 573  'X-RAY DIFFRACTION' ? 
r_mcbond_other               0.987  5.000  ? 180  'X-RAY DIFFRACTION' ? 
r_mcangle_it                 4.794  10.000 ? 716  'X-RAY DIFFRACTION' ? 
r_mcangle_other              ?      ?      ? ?    'X-RAY DIFFRACTION' ? 
r_scbond_it                  4.370  5.000  ? 284  'X-RAY DIFFRACTION' ? 
r_scbond_other               ?      ?      ? ?    'X-RAY DIFFRACTION' ? 
r_scangle_it                 6.472  10.000 ? 226  'X-RAY DIFFRACTION' ? 
r_scangle_other              ?      ?      ? ?    'X-RAY DIFFRACTION' ? 
r_long_range_B_refined       ?      ?      ? ?    'X-RAY DIFFRACTION' ? 
r_long_range_B_other         ?      ?      ? ?    'X-RAY DIFFRACTION' ? 
r_rigid_bond_restr           ?      ?      ? ?    'X-RAY DIFFRACTION' ? 
r_sphericity_free            ?      ?      ? ?    'X-RAY DIFFRACTION' ? 
r_sphericity_bonded          ?      ?      ? ?    'X-RAY DIFFRACTION' ? 
# 
_refine_ls_shell.pdbx_refine_id                   'X-RAY DIFFRACTION' 
_refine_ls_shell.pdbx_total_number_of_bins_used   20 
_refine_ls_shell.d_res_high                       1.80 
_refine_ls_shell.d_res_low                        1.85 
_refine_ls_shell.number_reflns_R_work             613 
_refine_ls_shell.R_factor_R_work                  0.3160 
_refine_ls_shell.percent_reflns_obs               96.28 
_refine_ls_shell.R_factor_R_free                  0.3670 
_refine_ls_shell.R_factor_R_free_error            ? 
_refine_ls_shell.percent_reflns_R_free            ? 
_refine_ls_shell.number_reflns_R_free             34 
_refine_ls_shell.number_reflns_all                ? 
_refine_ls_shell.R_factor_all                     ? 
# 
_struct.entry_id                  2V75 
_struct.title                     'N-terminal domain of Nab2' 
_struct.pdbx_model_details        ? 
_struct.pdbx_CASP_flag            ? 
_struct.pdbx_model_type_details   ? 
# 
_struct_keywords.entry_id        2V75 
_struct_keywords.pdbx_keywords   'NUCLEAR PROTEIN' 
_struct_keywords.text            'METAL-BINDING, NUCLEUS, RNA-BINDING, ZINC-FINGER, NUCLEAR PROTEIN' 
# 
loop_
_struct_asym.id 
_struct_asym.pdbx_blank_PDB_chainid_flag 
_struct_asym.pdbx_modified 
_struct_asym.entity_id 
_struct_asym.details 
A N N 1 ? 
B N N 2 ? 
# 
_struct_ref.id                         1 
_struct_ref.db_name                    UNP 
_struct_ref.db_code                    NAB2_YEAST 
_struct_ref.entity_id                  1 
_struct_ref.pdbx_seq_one_letter_code   ? 
_struct_ref.pdbx_align_begin           ? 
_struct_ref.pdbx_db_accession          P32505 
_struct_ref.pdbx_db_isoform            ? 
# 
_struct_ref_seq.align_id                      1 
_struct_ref_seq.ref_id                        1 
_struct_ref_seq.pdbx_PDB_id_code              2V75 
_struct_ref_seq.pdbx_strand_id                A 
_struct_ref_seq.seq_align_beg                 1 
_struct_ref_seq.pdbx_seq_align_beg_ins_code   ? 
_struct_ref_seq.seq_align_end                 104 
_struct_ref_seq.pdbx_seq_align_end_ins_code   ? 
_struct_ref_seq.pdbx_db_accession             P32505 
_struct_ref_seq.db_align_beg                  1 
_struct_ref_seq.pdbx_db_align_beg_ins_code    ? 
_struct_ref_seq.db_align_end                  104 
_struct_ref_seq.pdbx_db_align_end_ins_code    ? 
_struct_ref_seq.pdbx_auth_seq_align_beg       1 
_struct_ref_seq.pdbx_auth_seq_align_end       104 
# 
_pdbx_struct_assembly.id                   1 
_pdbx_struct_assembly.details              author_and_software_defined_assembly 
_pdbx_struct_assembly.method_details       PQS 
_pdbx_struct_assembly.oligomeric_details   monomeric 
_pdbx_struct_assembly.oligomeric_count     1 
# 
_pdbx_struct_assembly_gen.assembly_id       1 
_pdbx_struct_assembly_gen.oper_expression   1 
_pdbx_struct_assembly_gen.asym_id_list      A,B 
# 
_pdbx_struct_oper_list.id                   1 
_pdbx_struct_oper_list.type                 'identity operation' 
_pdbx_struct_oper_list.name                 1_555 
_pdbx_struct_oper_list.symmetry_operation   x,y,z 
_pdbx_struct_oper_list.matrix[1][1]         1.0000000000 
_pdbx_struct_oper_list.matrix[1][2]         0.0000000000 
_pdbx_struct_oper_list.matrix[1][3]         0.0000000000 
_pdbx_struct_oper_list.vector[1]            0.0000000000 
_pdbx_struct_oper_list.matrix[2][1]         0.0000000000 
_pdbx_struct_oper_list.matrix[2][2]         1.0000000000 
_pdbx_struct_oper_list.matrix[2][3]         0.0000000000 
_pdbx_struct_oper_list.vector[2]            0.0000000000 
_pdbx_struct_oper_list.matrix[3][1]         0.0000000000 
_pdbx_struct_oper_list.matrix[3][2]         0.0000000000 
_pdbx_struct_oper_list.matrix[3][3]         1.0000000000 
_pdbx_struct_oper_list.vector[3]            0.0000000000 
# 
_struct_biol.id   1 
# 
loop_
_struct_conf.conf_type_id 
_struct_conf.id 
_struct_conf.pdbx_PDB_helix_id 
_struct_conf.beg_label_comp_id 
_struct_conf.beg_label_asym_id 
_struct_conf.beg_label_seq_id 
_struct_conf.pdbx_beg_PDB_ins_code 
_struct_conf.end_label_comp_id 
_struct_conf.end_label_asym_id 
_struct_conf.end_label_seq_id 
_struct_conf.pdbx_end_PDB_ins_code 
_struct_conf.beg_auth_comp_id 
_struct_conf.beg_auth_asym_id 
_struct_conf.beg_auth_seq_id 
_struct_conf.end_auth_comp_id 
_struct_conf.end_auth_asym_id 
_struct_conf.end_auth_seq_id 
_struct_conf.pdbx_PDB_helix_class 
_struct_conf.details 
_struct_conf.pdbx_PDB_helix_length 
HELX_P HELX_P1 1 TYR A 6  ? ALA A 19 ? TYR A 6  ALA A 19 1 ? 14 
HELX_P HELX_P2 2 ASP A 27 ? ASN A 41 ? ASP A 27 ASN A 41 1 ? 15 
HELX_P HELX_P3 3 THR A 44 ? PHE A 56 ? THR A 44 PHE A 56 1 ? 13 
HELX_P HELX_P4 4 SER A 60 ? GLN A 80 ? SER A 60 GLN A 80 1 ? 21 
HELX_P HELX_P5 5 SER A 83 ? MET A 94 ? SER A 83 MET A 94 1 ? 12 
# 
_struct_conf_type.id          HELX_P 
_struct_conf_type.criteria    ? 
_struct_conf_type.reference   ? 
# 
loop_
_pdbx_validate_close_contact.id 
_pdbx_validate_close_contact.PDB_model_num 
_pdbx_validate_close_contact.auth_atom_id_1 
_pdbx_validate_close_contact.auth_asym_id_1 
_pdbx_validate_close_contact.auth_comp_id_1 
_pdbx_validate_close_contact.auth_seq_id_1 
_pdbx_validate_close_contact.PDB_ins_code_1 
_pdbx_validate_close_contact.label_alt_id_1 
_pdbx_validate_close_contact.auth_atom_id_2 
_pdbx_validate_close_contact.auth_asym_id_2 
_pdbx_validate_close_contact.auth_comp_id_2 
_pdbx_validate_close_contact.auth_seq_id_2 
_pdbx_validate_close_contact.PDB_ins_code_2 
_pdbx_validate_close_contact.label_alt_id_2 
_pdbx_validate_close_contact.dist 
1 1 CB A ASN 25   ? ? O A HOH 2026 ? ? 2.10 
2 1 O  A HOH 2040 ? ? O A HOH 2059 ? ? 2.13 
# 
loop_
_pdbx_validate_symm_contact.id 
_pdbx_validate_symm_contact.PDB_model_num 
_pdbx_validate_symm_contact.auth_atom_id_1 
_pdbx_validate_symm_contact.auth_asym_id_1 
_pdbx_validate_symm_contact.auth_comp_id_1 
_pdbx_validate_symm_contact.auth_seq_id_1 
_pdbx_validate_symm_contact.PDB_ins_code_1 
_pdbx_validate_symm_contact.label_alt_id_1 
_pdbx_validate_symm_contact.site_symmetry_1 
_pdbx_validate_symm_contact.auth_atom_id_2 
_pdbx_validate_symm_contact.auth_asym_id_2 
_pdbx_validate_symm_contact.auth_comp_id_2 
_pdbx_validate_symm_contact.auth_seq_id_2 
_pdbx_validate_symm_contact.PDB_ins_code_2 
_pdbx_validate_symm_contact.label_alt_id_2 
_pdbx_validate_symm_contact.site_symmetry_2 
_pdbx_validate_symm_contact.dist 
1 1 O A HOH 2010 ? ? 1_555 O A HOH 2027 ? ? 5_654 1.78 
2 1 O A HOH 2004 ? ? 1_555 O A HOH 2027 ? ? 5_654 1.96 
3 1 O A HOH 2004 ? ? 1_555 O A HOH 2045 ? ? 5_654 2.14 
# 
_pdbx_validate_rmsd_angle.id                         1 
_pdbx_validate_rmsd_angle.PDB_model_num              1 
_pdbx_validate_rmsd_angle.auth_atom_id_1             NE 
_pdbx_validate_rmsd_angle.auth_asym_id_1             A 
_pdbx_validate_rmsd_angle.auth_comp_id_1             ARG 
_pdbx_validate_rmsd_angle.auth_seq_id_1              61 
_pdbx_validate_rmsd_angle.PDB_ins_code_1             ? 
_pdbx_validate_rmsd_angle.label_alt_id_1             ? 
_pdbx_validate_rmsd_angle.auth_atom_id_2             CZ 
_pdbx_validate_rmsd_angle.auth_asym_id_2             A 
_pdbx_validate_rmsd_angle.auth_comp_id_2             ARG 
_pdbx_validate_rmsd_angle.auth_seq_id_2              61 
_pdbx_validate_rmsd_angle.PDB_ins_code_2             ? 
_pdbx_validate_rmsd_angle.label_alt_id_2             ? 
_pdbx_validate_rmsd_angle.auth_atom_id_3             NH2 
_pdbx_validate_rmsd_angle.auth_asym_id_3             A 
_pdbx_validate_rmsd_angle.auth_comp_id_3             ARG 
_pdbx_validate_rmsd_angle.auth_seq_id_3              61 
_pdbx_validate_rmsd_angle.PDB_ins_code_3             ? 
_pdbx_validate_rmsd_angle.label_alt_id_3             ? 
_pdbx_validate_rmsd_angle.angle_value                116.23 
_pdbx_validate_rmsd_angle.angle_target_value         120.30 
_pdbx_validate_rmsd_angle.angle_deviation            -4.07 
_pdbx_validate_rmsd_angle.angle_standard_deviation   0.50 
_pdbx_validate_rmsd_angle.linker_flag                N 
# 
_pdbx_struct_special_symmetry.id              1 
_pdbx_struct_special_symmetry.PDB_model_num   1 
_pdbx_struct_special_symmetry.auth_asym_id    A 
_pdbx_struct_special_symmetry.auth_comp_id    HOH 
_pdbx_struct_special_symmetry.auth_seq_id     2023 
_pdbx_struct_special_symmetry.PDB_ins_code    ? 
_pdbx_struct_special_symmetry.label_asym_id   B 
_pdbx_struct_special_symmetry.label_comp_id   HOH 
_pdbx_struct_special_symmetry.label_seq_id    . 
# 
loop_
_pdbx_refine_tls.pdbx_refine_id 
_pdbx_refine_tls.id 
_pdbx_refine_tls.details 
_pdbx_refine_tls.method 
_pdbx_refine_tls.origin_x 
_pdbx_refine_tls.origin_y 
_pdbx_refine_tls.origin_z 
_pdbx_refine_tls.T[1][1] 
_pdbx_refine_tls.T[2][2] 
_pdbx_refine_tls.T[3][3] 
_pdbx_refine_tls.T[1][2] 
_pdbx_refine_tls.T[1][3] 
_pdbx_refine_tls.T[2][3] 
_pdbx_refine_tls.L[1][1] 
_pdbx_refine_tls.L[2][2] 
_pdbx_refine_tls.L[3][3] 
_pdbx_refine_tls.L[1][2] 
_pdbx_refine_tls.L[1][3] 
_pdbx_refine_tls.L[2][3] 
_pdbx_refine_tls.S[1][1] 
_pdbx_refine_tls.S[1][2] 
_pdbx_refine_tls.S[1][3] 
_pdbx_refine_tls.S[2][1] 
_pdbx_refine_tls.S[2][2] 
_pdbx_refine_tls.S[2][3] 
_pdbx_refine_tls.S[3][1] 
_pdbx_refine_tls.S[3][2] 
_pdbx_refine_tls.S[3][3] 
'X-RAY DIFFRACTION' 1 ? refined -0.5877 -1.3490 1.6173  -0.2515 -0.1562 -0.1450 -0.0048 0.0205 0.0218 5.8706  2.6977  5.1626  0.2522 -0.4122 -0.2878 -0.0609 0.0250 -0.2807 0.0031  0.0610 -0.0852 0.2026  0.2189  -0.0001 
'X-RAY DIFFRACTION' 2 ? refined 4.6188  7.5114  -9.7787 -0.0949 0.1973  -0.1737 -0.0404 0.0340 0.1265 18.2421 18.4329 23.7296 9.6447 3.4293  9.8242  -0.2670 1.6142 0.9287  -1.2455 0.4758 0.6521  -1.5046 -0.8683 -0.2089 
# 
loop_
_pdbx_refine_tls_group.pdbx_refine_id 
_pdbx_refine_tls_group.id 
_pdbx_refine_tls_group.refine_tls_id 
_pdbx_refine_tls_group.beg_auth_asym_id 
_pdbx_refine_tls_group.beg_auth_seq_id 
_pdbx_refine_tls_group.beg_label_asym_id 
_pdbx_refine_tls_group.beg_label_seq_id 
_pdbx_refine_tls_group.end_auth_asym_id 
_pdbx_refine_tls_group.end_auth_seq_id 
_pdbx_refine_tls_group.end_label_asym_id 
_pdbx_refine_tls_group.end_label_seq_id 
_pdbx_refine_tls_group.selection 
_pdbx_refine_tls_group.selection_details 
'X-RAY DIFFRACTION' 1 1 A 6  ? ? A 82 ? ? ? ? 
'X-RAY DIFFRACTION' 2 2 A 83 ? ? A 94 ? ? ? ? 
# 
loop_
_pdbx_unobs_or_zero_occ_residues.id 
_pdbx_unobs_or_zero_occ_residues.PDB_model_num 
_pdbx_unobs_or_zero_occ_residues.polymer_flag 
_pdbx_unobs_or_zero_occ_residues.occupancy_flag 
_pdbx_unobs_or_zero_occ_residues.auth_asym_id 
_pdbx_unobs_or_zero_occ_residues.auth_comp_id 
_pdbx_unobs_or_zero_occ_residues.auth_seq_id 
_pdbx_unobs_or_zero_occ_residues.PDB_ins_code 
_pdbx_unobs_or_zero_occ_residues.label_asym_id 
_pdbx_unobs_or_zero_occ_residues.label_comp_id 
_pdbx_unobs_or_zero_occ_residues.label_seq_id 
1  1 Y 1 A MET 1   ? A MET 1   
2  1 Y 1 A SER 2   ? A SER 2   
3  1 Y 1 A GLN 3   ? A GLN 3   
4  1 Y 1 A GLU 4   ? A GLU 4   
5  1 Y 1 A GLN 5   ? A GLN 5   
6  1 Y 1 A ALA 96  ? A ALA 96  
7  1 Y 1 A GLN 97  ? A GLN 97  
8  1 Y 1 A SER 98  ? A SER 98  
9  1 Y 1 A LEU 99  ? A LEU 99  
10 1 Y 1 A GLY 100 ? A GLY 100 
11 1 Y 1 A GLN 101 ? A GLN 101 
12 1 Y 1 A SER 102 ? A SER 102 
13 1 Y 1 A ASP 103 ? A ASP 103 
14 1 Y 1 A ILE 104 ? A ILE 104 
# 
loop_
_chem_comp_atom.comp_id 
_chem_comp_atom.atom_id 
_chem_comp_atom.type_symbol 
_chem_comp_atom.pdbx_aromatic_flag 
_chem_comp_atom.pdbx_stereo_config 
_chem_comp_atom.pdbx_ordinal 
ALA N    N N N 1   
ALA CA   C N S 2   
ALA C    C N N 3   
ALA O    O N N 4   
ALA CB   C N N 5   
ALA OXT  O N N 6   
ALA H    H N N 7   
ALA H2   H N N 8   
ALA HA   H N N 9   
ALA HB1  H N N 10  
ALA HB2  H N N 11  
ALA HB3  H N N 12  
ALA HXT  H N N 13  
ARG N    N N N 14  
ARG CA   C N S 15  
ARG C    C N N 16  
ARG O    O N N 17  
ARG CB   C N N 18  
ARG CG   C N N 19  
ARG CD   C N N 20  
ARG NE   N N N 21  
ARG CZ   C N N 22  
ARG NH1  N N N 23  
ARG NH2  N N N 24  
ARG OXT  O N N 25  
ARG H    H N N 26  
ARG H2   H N N 27  
ARG HA   H N N 28  
ARG HB2  H N N 29  
ARG HB3  H N N 30  
ARG HG2  H N N 31  
ARG HG3  H N N 32  
ARG HD2  H N N 33  
ARG HD3  H N N 34  
ARG HE   H N N 35  
ARG HH11 H N N 36  
ARG HH12 H N N 37  
ARG HH21 H N N 38  
ARG HH22 H N N 39  
ARG HXT  H N N 40  
ASN N    N N N 41  
ASN CA   C N S 42  
ASN C    C N N 43  
ASN O    O N N 44  
ASN CB   C N N 45  
ASN CG   C N N 46  
ASN OD1  O N N 47  
ASN ND2  N N N 48  
ASN OXT  O N N 49  
ASN H    H N N 50  
ASN H2   H N N 51  
ASN HA   H N N 52  
ASN HB2  H N N 53  
ASN HB3  H N N 54  
ASN HD21 H N N 55  
ASN HD22 H N N 56  
ASN HXT  H N N 57  
ASP N    N N N 58  
ASP CA   C N S 59  
ASP C    C N N 60  
ASP O    O N N 61  
ASP CB   C N N 62  
ASP CG   C N N 63  
ASP OD1  O N N 64  
ASP OD2  O N N 65  
ASP OXT  O N N 66  
ASP H    H N N 67  
ASP H2   H N N 68  
ASP HA   H N N 69  
ASP HB2  H N N 70  
ASP HB3  H N N 71  
ASP HD2  H N N 72  
ASP HXT  H N N 73  
GLN N    N N N 74  
GLN CA   C N S 75  
GLN C    C N N 76  
GLN O    O N N 77  
GLN CB   C N N 78  
GLN CG   C N N 79  
GLN CD   C N N 80  
GLN OE1  O N N 81  
GLN NE2  N N N 82  
GLN OXT  O N N 83  
GLN H    H N N 84  
GLN H2   H N N 85  
GLN HA   H N N 86  
GLN HB2  H N N 87  
GLN HB3  H N N 88  
GLN HG2  H N N 89  
GLN HG3  H N N 90  
GLN HE21 H N N 91  
GLN HE22 H N N 92  
GLN HXT  H N N 93  
GLU N    N N N 94  
GLU CA   C N S 95  
GLU C    C N N 96  
GLU O    O N N 97  
GLU CB   C N N 98  
GLU CG   C N N 99  
GLU CD   C N N 100 
GLU OE1  O N N 101 
GLU OE2  O N N 102 
GLU OXT  O N N 103 
GLU H    H N N 104 
GLU H2   H N N 105 
GLU HA   H N N 106 
GLU HB2  H N N 107 
GLU HB3  H N N 108 
GLU HG2  H N N 109 
GLU HG3  H N N 110 
GLU HE2  H N N 111 
GLU HXT  H N N 112 
GLY N    N N N 113 
GLY CA   C N N 114 
GLY C    C N N 115 
GLY O    O N N 116 
GLY OXT  O N N 117 
GLY H    H N N 118 
GLY H2   H N N 119 
GLY HA2  H N N 120 
GLY HA3  H N N 121 
GLY HXT  H N N 122 
HOH O    O N N 123 
HOH H1   H N N 124 
HOH H2   H N N 125 
ILE N    N N N 126 
ILE CA   C N S 127 
ILE C    C N N 128 
ILE O    O N N 129 
ILE CB   C N S 130 
ILE CG1  C N N 131 
ILE CG2  C N N 132 
ILE CD1  C N N 133 
ILE OXT  O N N 134 
ILE H    H N N 135 
ILE H2   H N N 136 
ILE HA   H N N 137 
ILE HB   H N N 138 
ILE HG12 H N N 139 
ILE HG13 H N N 140 
ILE HG21 H N N 141 
ILE HG22 H N N 142 
ILE HG23 H N N 143 
ILE HD11 H N N 144 
ILE HD12 H N N 145 
ILE HD13 H N N 146 
ILE HXT  H N N 147 
LEU N    N N N 148 
LEU CA   C N S 149 
LEU C    C N N 150 
LEU O    O N N 151 
LEU CB   C N N 152 
LEU CG   C N N 153 
LEU CD1  C N N 154 
LEU CD2  C N N 155 
LEU OXT  O N N 156 
LEU H    H N N 157 
LEU H2   H N N 158 
LEU HA   H N N 159 
LEU HB2  H N N 160 
LEU HB3  H N N 161 
LEU HG   H N N 162 
LEU HD11 H N N 163 
LEU HD12 H N N 164 
LEU HD13 H N N 165 
LEU HD21 H N N 166 
LEU HD22 H N N 167 
LEU HD23 H N N 168 
LEU HXT  H N N 169 
LYS N    N N N 170 
LYS CA   C N S 171 
LYS C    C N N 172 
LYS O    O N N 173 
LYS CB   C N N 174 
LYS CG   C N N 175 
LYS CD   C N N 176 
LYS CE   C N N 177 
LYS NZ   N N N 178 
LYS OXT  O N N 179 
LYS H    H N N 180 
LYS H2   H N N 181 
LYS HA   H N N 182 
LYS HB2  H N N 183 
LYS HB3  H N N 184 
LYS HG2  H N N 185 
LYS HG3  H N N 186 
LYS HD2  H N N 187 
LYS HD3  H N N 188 
LYS HE2  H N N 189 
LYS HE3  H N N 190 
LYS HZ1  H N N 191 
LYS HZ2  H N N 192 
LYS HZ3  H N N 193 
LYS HXT  H N N 194 
MET N    N N N 195 
MET CA   C N S 196 
MET C    C N N 197 
MET O    O N N 198 
MET CB   C N N 199 
MET CG   C N N 200 
MET SD   S N N 201 
MET CE   C N N 202 
MET OXT  O N N 203 
MET H    H N N 204 
MET H2   H N N 205 
MET HA   H N N 206 
MET HB2  H N N 207 
MET HB3  H N N 208 
MET HG2  H N N 209 
MET HG3  H N N 210 
MET HE1  H N N 211 
MET HE2  H N N 212 
MET HE3  H N N 213 
MET HXT  H N N 214 
PHE N    N N N 215 
PHE CA   C N S 216 
PHE C    C N N 217 
PHE O    O N N 218 
PHE CB   C N N 219 
PHE CG   C Y N 220 
PHE CD1  C Y N 221 
PHE CD2  C Y N 222 
PHE CE1  C Y N 223 
PHE CE2  C Y N 224 
PHE CZ   C Y N 225 
PHE OXT  O N N 226 
PHE H    H N N 227 
PHE H2   H N N 228 
PHE HA   H N N 229 
PHE HB2  H N N 230 
PHE HB3  H N N 231 
PHE HD1  H N N 232 
PHE HD2  H N N 233 
PHE HE1  H N N 234 
PHE HE2  H N N 235 
PHE HZ   H N N 236 
PHE HXT  H N N 237 
PRO N    N N N 238 
PRO CA   C N S 239 
PRO C    C N N 240 
PRO O    O N N 241 
PRO CB   C N N 242 
PRO CG   C N N 243 
PRO CD   C N N 244 
PRO OXT  O N N 245 
PRO H    H N N 246 
PRO HA   H N N 247 
PRO HB2  H N N 248 
PRO HB3  H N N 249 
PRO HG2  H N N 250 
PRO HG3  H N N 251 
PRO HD2  H N N 252 
PRO HD3  H N N 253 
PRO HXT  H N N 254 
SER N    N N N 255 
SER CA   C N S 256 
SER C    C N N 257 
SER O    O N N 258 
SER CB   C N N 259 
SER OG   O N N 260 
SER OXT  O N N 261 
SER H    H N N 262 
SER H2   H N N 263 
SER HA   H N N 264 
SER HB2  H N N 265 
SER HB3  H N N 266 
SER HG   H N N 267 
SER HXT  H N N 268 
THR N    N N N 269 
THR CA   C N S 270 
THR C    C N N 271 
THR O    O N N 272 
THR CB   C N R 273 
THR OG1  O N N 274 
THR CG2  C N N 275 
THR OXT  O N N 276 
THR H    H N N 277 
THR H2   H N N 278 
THR HA   H N N 279 
THR HB   H N N 280 
THR HG1  H N N 281 
THR HG21 H N N 282 
THR HG22 H N N 283 
THR HG23 H N N 284 
THR HXT  H N N 285 
TYR N    N N N 286 
TYR CA   C N S 287 
TYR C    C N N 288 
TYR O    O N N 289 
TYR CB   C N N 290 
TYR CG   C Y N 291 
TYR CD1  C Y N 292 
TYR CD2  C Y N 293 
TYR CE1  C Y N 294 
TYR CE2  C Y N 295 
TYR CZ   C Y N 296 
TYR OH   O N N 297 
TYR OXT  O N N 298 
TYR H    H N N 299 
TYR H2   H N N 300 
TYR HA   H N N 301 
TYR HB2  H N N 302 
TYR HB3  H N N 303 
TYR HD1  H N N 304 
TYR HD2  H N N 305 
TYR HE1  H N N 306 
TYR HE2  H N N 307 
TYR HH   H N N 308 
TYR HXT  H N N 309 
VAL N    N N N 310 
VAL CA   C N S 311 
VAL C    C N N 312 
VAL O    O N N 313 
VAL CB   C N N 314 
VAL CG1  C N N 315 
VAL CG2  C N N 316 
VAL OXT  O N N 317 
VAL H    H N N 318 
VAL H2   H N N 319 
VAL HA   H N N 320 
VAL HB   H N N 321 
VAL HG11 H N N 322 
VAL HG12 H N N 323 
VAL HG13 H N N 324 
VAL HG21 H N N 325 
VAL HG22 H N N 326 
VAL HG23 H N N 327 
VAL HXT  H N N 328 
# 
loop_
_chem_comp_bond.comp_id 
_chem_comp_bond.atom_id_1 
_chem_comp_bond.atom_id_2 
_chem_comp_bond.value_order 
_chem_comp_bond.pdbx_aromatic_flag 
_chem_comp_bond.pdbx_stereo_config 
_chem_comp_bond.pdbx_ordinal 
ALA N   CA   sing N N 1   
ALA N   H    sing N N 2   
ALA N   H2   sing N N 3   
ALA CA  C    sing N N 4   
ALA CA  CB   sing N N 5   
ALA CA  HA   sing N N 6   
ALA C   O    doub N N 7   
ALA C   OXT  sing N N 8   
ALA CB  HB1  sing N N 9   
ALA CB  HB2  sing N N 10  
ALA CB  HB3  sing N N 11  
ALA OXT HXT  sing N N 12  
ARG N   CA   sing N N 13  
ARG N   H    sing N N 14  
ARG N   H2   sing N N 15  
ARG CA  C    sing N N 16  
ARG CA  CB   sing N N 17  
ARG CA  HA   sing N N 18  
ARG C   O    doub N N 19  
ARG C   OXT  sing N N 20  
ARG CB  CG   sing N N 21  
ARG CB  HB2  sing N N 22  
ARG CB  HB3  sing N N 23  
ARG CG  CD   sing N N 24  
ARG CG  HG2  sing N N 25  
ARG CG  HG3  sing N N 26  
ARG CD  NE   sing N N 27  
ARG CD  HD2  sing N N 28  
ARG CD  HD3  sing N N 29  
ARG NE  CZ   sing N N 30  
ARG NE  HE   sing N N 31  
ARG CZ  NH1  sing N N 32  
ARG CZ  NH2  doub N N 33  
ARG NH1 HH11 sing N N 34  
ARG NH1 HH12 sing N N 35  
ARG NH2 HH21 sing N N 36  
ARG NH2 HH22 sing N N 37  
ARG OXT HXT  sing N N 38  
ASN N   CA   sing N N 39  
ASN N   H    sing N N 40  
ASN N   H2   sing N N 41  
ASN CA  C    sing N N 42  
ASN CA  CB   sing N N 43  
ASN CA  HA   sing N N 44  
ASN C   O    doub N N 45  
ASN C   OXT  sing N N 46  
ASN CB  CG   sing N N 47  
ASN CB  HB2  sing N N 48  
ASN CB  HB3  sing N N 49  
ASN CG  OD1  doub N N 50  
ASN CG  ND2  sing N N 51  
ASN ND2 HD21 sing N N 52  
ASN ND2 HD22 sing N N 53  
ASN OXT HXT  sing N N 54  
ASP N   CA   sing N N 55  
ASP N   H    sing N N 56  
ASP N   H2   sing N N 57  
ASP CA  C    sing N N 58  
ASP CA  CB   sing N N 59  
ASP CA  HA   sing N N 60  
ASP C   O    doub N N 61  
ASP C   OXT  sing N N 62  
ASP CB  CG   sing N N 63  
ASP CB  HB2  sing N N 64  
ASP CB  HB3  sing N N 65  
ASP CG  OD1  doub N N 66  
ASP CG  OD2  sing N N 67  
ASP OD2 HD2  sing N N 68  
ASP OXT HXT  sing N N 69  
GLN N   CA   sing N N 70  
GLN N   H    sing N N 71  
GLN N   H2   sing N N 72  
GLN CA  C    sing N N 73  
GLN CA  CB   sing N N 74  
GLN CA  HA   sing N N 75  
GLN C   O    doub N N 76  
GLN C   OXT  sing N N 77  
GLN CB  CG   sing N N 78  
GLN CB  HB2  sing N N 79  
GLN CB  HB3  sing N N 80  
GLN CG  CD   sing N N 81  
GLN CG  HG2  sing N N 82  
GLN CG  HG3  sing N N 83  
GLN CD  OE1  doub N N 84  
GLN CD  NE2  sing N N 85  
GLN NE2 HE21 sing N N 86  
GLN NE2 HE22 sing N N 87  
GLN OXT HXT  sing N N 88  
GLU N   CA   sing N N 89  
GLU N   H    sing N N 90  
GLU N   H2   sing N N 91  
GLU CA  C    sing N N 92  
GLU CA  CB   sing N N 93  
GLU CA  HA   sing N N 94  
GLU C   O    doub N N 95  
GLU C   OXT  sing N N 96  
GLU CB  CG   sing N N 97  
GLU CB  HB2  sing N N 98  
GLU CB  HB3  sing N N 99  
GLU CG  CD   sing N N 100 
GLU CG  HG2  sing N N 101 
GLU CG  HG3  sing N N 102 
GLU CD  OE1  doub N N 103 
GLU CD  OE2  sing N N 104 
GLU OE2 HE2  sing N N 105 
GLU OXT HXT  sing N N 106 
GLY N   CA   sing N N 107 
GLY N   H    sing N N 108 
GLY N   H2   sing N N 109 
GLY CA  C    sing N N 110 
GLY CA  HA2  sing N N 111 
GLY CA  HA3  sing N N 112 
GLY C   O    doub N N 113 
GLY C   OXT  sing N N 114 
GLY OXT HXT  sing N N 115 
HOH O   H1   sing N N 116 
HOH O   H2   sing N N 117 
ILE N   CA   sing N N 118 
ILE N   H    sing N N 119 
ILE N   H2   sing N N 120 
ILE CA  C    sing N N 121 
ILE CA  CB   sing N N 122 
ILE CA  HA   sing N N 123 
ILE C   O    doub N N 124 
ILE C   OXT  sing N N 125 
ILE CB  CG1  sing N N 126 
ILE CB  CG2  sing N N 127 
ILE CB  HB   sing N N 128 
ILE CG1 CD1  sing N N 129 
ILE CG1 HG12 sing N N 130 
ILE CG1 HG13 sing N N 131 
ILE CG2 HG21 sing N N 132 
ILE CG2 HG22 sing N N 133 
ILE CG2 HG23 sing N N 134 
ILE CD1 HD11 sing N N 135 
ILE CD1 HD12 sing N N 136 
ILE CD1 HD13 sing N N 137 
ILE OXT HXT  sing N N 138 
LEU N   CA   sing N N 139 
LEU N   H    sing N N 140 
LEU N   H2   sing N N 141 
LEU CA  C    sing N N 142 
LEU CA  CB   sing N N 143 
LEU CA  HA   sing N N 144 
LEU C   O    doub N N 145 
LEU C   OXT  sing N N 146 
LEU CB  CG   sing N N 147 
LEU CB  HB2  sing N N 148 
LEU CB  HB3  sing N N 149 
LEU CG  CD1  sing N N 150 
LEU CG  CD2  sing N N 151 
LEU CG  HG   sing N N 152 
LEU CD1 HD11 sing N N 153 
LEU CD1 HD12 sing N N 154 
LEU CD1 HD13 sing N N 155 
LEU CD2 HD21 sing N N 156 
LEU CD2 HD22 sing N N 157 
LEU CD2 HD23 sing N N 158 
LEU OXT HXT  sing N N 159 
LYS N   CA   sing N N 160 
LYS N   H    sing N N 161 
LYS N   H2   sing N N 162 
LYS CA  C    sing N N 163 
LYS CA  CB   sing N N 164 
LYS CA  HA   sing N N 165 
LYS C   O    doub N N 166 
LYS C   OXT  sing N N 167 
LYS CB  CG   sing N N 168 
LYS CB  HB2  sing N N 169 
LYS CB  HB3  sing N N 170 
LYS CG  CD   sing N N 171 
LYS CG  HG2  sing N N 172 
LYS CG  HG3  sing N N 173 
LYS CD  CE   sing N N 174 
LYS CD  HD2  sing N N 175 
LYS CD  HD3  sing N N 176 
LYS CE  NZ   sing N N 177 
LYS CE  HE2  sing N N 178 
LYS CE  HE3  sing N N 179 
LYS NZ  HZ1  sing N N 180 
LYS NZ  HZ2  sing N N 181 
LYS NZ  HZ3  sing N N 182 
LYS OXT HXT  sing N N 183 
MET N   CA   sing N N 184 
MET N   H    sing N N 185 
MET N   H2   sing N N 186 
MET CA  C    sing N N 187 
MET CA  CB   sing N N 188 
MET CA  HA   sing N N 189 
MET C   O    doub N N 190 
MET C   OXT  sing N N 191 
MET CB  CG   sing N N 192 
MET CB  HB2  sing N N 193 
MET CB  HB3  sing N N 194 
MET CG  SD   sing N N 195 
MET CG  HG2  sing N N 196 
MET CG  HG3  sing N N 197 
MET SD  CE   sing N N 198 
MET CE  HE1  sing N N 199 
MET CE  HE2  sing N N 200 
MET CE  HE3  sing N N 201 
MET OXT HXT  sing N N 202 
PHE N   CA   sing N N 203 
PHE N   H    sing N N 204 
PHE N   H2   sing N N 205 
PHE CA  C    sing N N 206 
PHE CA  CB   sing N N 207 
PHE CA  HA   sing N N 208 
PHE C   O    doub N N 209 
PHE C   OXT  sing N N 210 
PHE CB  CG   sing N N 211 
PHE CB  HB2  sing N N 212 
PHE CB  HB3  sing N N 213 
PHE CG  CD1  doub Y N 214 
PHE CG  CD2  sing Y N 215 
PHE CD1 CE1  sing Y N 216 
PHE CD1 HD1  sing N N 217 
PHE CD2 CE2  doub Y N 218 
PHE CD2 HD2  sing N N 219 
PHE CE1 CZ   doub Y N 220 
PHE CE1 HE1  sing N N 221 
PHE CE2 CZ   sing Y N 222 
PHE CE2 HE2  sing N N 223 
PHE CZ  HZ   sing N N 224 
PHE OXT HXT  sing N N 225 
PRO N   CA   sing N N 226 
PRO N   CD   sing N N 227 
PRO N   H    sing N N 228 
PRO CA  C    sing N N 229 
PRO CA  CB   sing N N 230 
PRO CA  HA   sing N N 231 
PRO C   O    doub N N 232 
PRO C   OXT  sing N N 233 
PRO CB  CG   sing N N 234 
PRO CB  HB2  sing N N 235 
PRO CB  HB3  sing N N 236 
PRO CG  CD   sing N N 237 
PRO CG  HG2  sing N N 238 
PRO CG  HG3  sing N N 239 
PRO CD  HD2  sing N N 240 
PRO CD  HD3  sing N N 241 
PRO OXT HXT  sing N N 242 
SER N   CA   sing N N 243 
SER N   H    sing N N 244 
SER N   H2   sing N N 245 
SER CA  C    sing N N 246 
SER CA  CB   sing N N 247 
SER CA  HA   sing N N 248 
SER C   O    doub N N 249 
SER C   OXT  sing N N 250 
SER CB  OG   sing N N 251 
SER CB  HB2  sing N N 252 
SER CB  HB3  sing N N 253 
SER OG  HG   sing N N 254 
SER OXT HXT  sing N N 255 
THR N   CA   sing N N 256 
THR N   H    sing N N 257 
THR N   H2   sing N N 258 
THR CA  C    sing N N 259 
THR CA  CB   sing N N 260 
THR CA  HA   sing N N 261 
THR C   O    doub N N 262 
THR C   OXT  sing N N 263 
THR CB  OG1  sing N N 264 
THR CB  CG2  sing N N 265 
THR CB  HB   sing N N 266 
THR OG1 HG1  sing N N 267 
THR CG2 HG21 sing N N 268 
THR CG2 HG22 sing N N 269 
THR CG2 HG23 sing N N 270 
THR OXT HXT  sing N N 271 
TYR N   CA   sing N N 272 
TYR N   H    sing N N 273 
TYR N   H2   sing N N 274 
TYR CA  C    sing N N 275 
TYR CA  CB   sing N N 276 
TYR CA  HA   sing N N 277 
TYR C   O    doub N N 278 
TYR C   OXT  sing N N 279 
TYR CB  CG   sing N N 280 
TYR CB  HB2  sing N N 281 
TYR CB  HB3  sing N N 282 
TYR CG  CD1  doub Y N 283 
TYR CG  CD2  sing Y N 284 
TYR CD1 CE1  sing Y N 285 
TYR CD1 HD1  sing N N 286 
TYR CD2 CE2  doub Y N 287 
TYR CD2 HD2  sing N N 288 
TYR CE1 CZ   doub Y N 289 
TYR CE1 HE1  sing N N 290 
TYR CE2 CZ   sing Y N 291 
TYR CE2 HE2  sing N N 292 
TYR CZ  OH   sing N N 293 
TYR OH  HH   sing N N 294 
TYR OXT HXT  sing N N 295 
VAL N   CA   sing N N 296 
VAL N   H    sing N N 297 
VAL N   H2   sing N N 298 
VAL CA  C    sing N N 299 
VAL CA  CB   sing N N 300 
VAL CA  HA   sing N N 301 
VAL C   O    doub N N 302 
VAL C   OXT  sing N N 303 
VAL CB  CG1  sing N N 304 
VAL CB  CG2  sing N N 305 
VAL CB  HB   sing N N 306 
VAL CG1 HG11 sing N N 307 
VAL CG1 HG12 sing N N 308 
VAL CG1 HG13 sing N N 309 
VAL CG2 HG21 sing N N 310 
VAL CG2 HG22 sing N N 311 
VAL CG2 HG23 sing N N 312 
VAL OXT HXT  sing N N 313 
# 
_pdbx_initial_refinement_model.accession_code   ? 
_pdbx_initial_refinement_model.id               1 
_pdbx_initial_refinement_model.entity_id_list   ? 
_pdbx_initial_refinement_model.type             'experimental model' 
_pdbx_initial_refinement_model.source_name      Other 
_pdbx_initial_refinement_model.details          'UNPUBLISHED NMR STRUCTURE' 
# 
_atom_sites.entry_id                    2V75 
_atom_sites.fract_transf_matrix[1][1]   0.00166476 
_atom_sites.fract_transf_matrix[1][2]   0.02070185 
_atom_sites.fract_transf_matrix[1][3]   0.00047031 
_atom_sites.fract_transf_matrix[2][1]   0.01855756 
_atom_sites.fract_transf_matrix[2][2]   -0.00128221 
_atom_sites.fract_transf_matrix[2][3]   -0.00924835 
_atom_sites.fract_transf_matrix[3][1]   -0.00544492 
_atom_sites.fract_transf_matrix[3][2]   0.00068824 
_atom_sites.fract_transf_matrix[3][3]   -0.01102109 
_atom_sites.fract_transf_vector[1]      0.644209 
_atom_sites.fract_transf_vector[2]      0.134538 
_atom_sites.fract_transf_vector[3]      -0.072798 
# 
loop_
_atom_type.symbol 
C 
N 
O 
S 
# 
loop_
_atom_site.group_PDB 
_atom_site.id 
_atom_site.type_symbol 
_atom_site.label_atom_id 
_atom_site.label_alt_id 
_atom_site.label_comp_id 
_atom_site.label_asym_id 
_atom_site.label_entity_id 
_atom_site.label_seq_id 
_atom_site.pdbx_PDB_ins_code 
_atom_site.Cartn_x 
_atom_site.Cartn_y 
_atom_site.Cartn_z 
_atom_site.occupancy 
_atom_site.B_iso_or_equiv 
_atom_site.pdbx_formal_charge 
_atom_site.auth_seq_id 
_atom_site.auth_comp_id 
_atom_site.auth_asym_id 
_atom_site.auth_atom_id 
_atom_site.pdbx_PDB_model_num 
ATOM   1   N N   . TYR A 1 6  ? 4.295   -9.282  -10.282 1.00 56.26 ? 6    TYR A N   1 
ATOM   2   C CA  . TYR A 1 6  ? 4.001   -7.894  -9.795  1.00 47.96 ? 6    TYR A CA  1 
ATOM   3   C C   . TYR A 1 6  ? 4.208   -7.686  -8.275  1.00 46.70 ? 6    TYR A C   1 
ATOM   4   O O   . TYR A 1 6  ? 4.039   -6.602  -7.763  1.00 39.30 ? 6    TYR A O   1 
ATOM   5   C CB  . TYR A 1 6  ? 2.565   -7.493  -10.184 1.00 60.82 ? 6    TYR A CB  1 
ATOM   6   C CG  . TYR A 1 6  ? 2.283   -7.517  -11.677 1.00 63.86 ? 6    TYR A CG  1 
ATOM   7   C CD1 . TYR A 1 6  ? 2.987   -6.691  -12.551 1.00 67.54 ? 6    TYR A CD1 1 
ATOM   8   C CD2 . TYR A 1 6  ? 1.327   -8.374  -12.217 1.00 62.27 ? 6    TYR A CD2 1 
ATOM   9   C CE1 . TYR A 1 6  ? 2.745   -6.711  -13.921 1.00 65.53 ? 6    TYR A CE1 1 
ATOM   10  C CE2 . TYR A 1 6  ? 1.078   -8.408  -13.587 1.00 63.46 ? 6    TYR A CE2 1 
ATOM   11  C CZ  . TYR A 1 6  ? 1.786   -7.572  -14.437 1.00 66.19 ? 6    TYR A CZ  1 
ATOM   12  O OH  . TYR A 1 6  ? 1.552   -7.590  -15.804 1.00 65.78 ? 6    TYR A OH  1 
ATOM   13  N N   . THR A 1 7  ? 4.571   -8.702  -7.517  1.00 48.11 ? 7    THR A N   1 
ATOM   14  C CA  . THR A 1 7  ? 4.650   -8.520  -6.077  1.00 50.87 ? 7    THR A CA  1 
ATOM   15  C C   . THR A 1 7  ? 5.822   -7.623  -5.644  1.00 50.85 ? 7    THR A C   1 
ATOM   16  O O   . THR A 1 7  ? 5.725   -6.860  -4.673  1.00 50.86 ? 7    THR A O   1 
ATOM   17  C CB  . THR A 1 7  ? 4.742   -9.899  -5.416  1.00 56.66 ? 7    THR A CB  1 
ATOM   18  O OG1 . THR A 1 7  ? 3.503   -10.576 -5.647  1.00 59.30 ? 7    THR A OG1 1 
ATOM   19  C CG2 . THR A 1 7  ? 4.981   -9.781  -3.929  1.00 57.73 ? 7    THR A CG2 1 
ATOM   20  N N   . GLU A 1 8  ? 6.934   -7.690  -6.366  1.00 40.21 ? 8    GLU A N   1 
ATOM   21  C CA  . GLU A 1 8  ? 8.100   -6.912  -5.950  1.00 48.10 ? 8    GLU A CA  1 
ATOM   22  C C   . GLU A 1 8  ? 7.873   -5.433  -6.248  1.00 41.07 ? 8    GLU A C   1 
ATOM   23  O O   . GLU A 1 8  ? 8.121   -4.571  -5.409  1.00 41.25 ? 8    GLU A O   1 
ATOM   24  C CB  . GLU A 1 8  ? 9.396   -7.443  -6.590  1.00 52.23 ? 8    GLU A CB  1 
ATOM   25  C CG  . GLU A 1 8  ? 9.869   -8.794  -6.046  1.00 52.15 ? 8    GLU A CG  1 
ATOM   26  C CD  . GLU A 1 8  ? 10.001  -8.831  -4.523  1.00 57.99 ? 8    GLU A CD  1 
ATOM   27  O OE1 . GLU A 1 8  ? 10.762  -8.025  -3.950  1.00 57.93 ? 8    GLU A OE1 1 
ATOM   28  O OE2 . GLU A 1 8  ? 9.352   -9.681  -3.875  1.00 65.32 ? 8    GLU A OE2 1 
ATOM   29  N N   . ASN A 1 9  ? 7.319   -5.126  -7.408  1.00 38.99 ? 9    ASN A N   1 
ATOM   30  C CA  . ASN A 1 9  ? 6.955   -3.744  -7.697  1.00 41.29 ? 9    ASN A CA  1 
ATOM   31  C C   . ASN A 1 9  ? 5.827   -3.209  -6.818  1.00 44.57 ? 9    ASN A C   1 
ATOM   32  O O   . ASN A 1 9  ? 5.815   -2.027  -6.485  1.00 38.00 ? 9    ASN A O   1 
ATOM   33  C CB  . ASN A 1 9  ? 6.607   -3.577  -9.164  1.00 41.20 ? 9    ASN A CB  1 
ATOM   34  C CG  . ASN A 1 9  ? 7.847   -3.516  -10.035 1.00 42.61 ? 9    ASN A CG  1 
ATOM   35  O OD1 . ASN A 1 9  ? 8.922   -3.123  -9.571  1.00 40.46 ? 9    ASN A OD1 1 
ATOM   36  N ND2 . ASN A 1 9  ? 7.714   -3.919  -11.292 1.00 41.11 ? 9    ASN A ND2 1 
ATOM   37  N N   . LEU A 1 10 ? 4.879   -4.057  -6.445  1.00 38.49 ? 10   LEU A N   1 
ATOM   38  C CA  . LEU A 1 10 ? 3.840   -3.596  -5.527  1.00 39.61 ? 10   LEU A CA  1 
ATOM   39  C C   . LEU A 1 10 ? 4.387   -3.206  -4.149  1.00 38.78 ? 10   LEU A C   1 
ATOM   40  O O   . LEU A 1 10 ? 3.975   -2.213  -3.564  1.00 39.71 ? 10   LEU A O   1 
ATOM   41  C CB  . LEU A 1 10 ? 2.731   -4.640  -5.416  1.00 40.76 ? 10   LEU A CB  1 
ATOM   42  C CG  . LEU A 1 10 ? 1.485   -4.079  -4.765  1.00 37.77 ? 10   LEU A CG  1 
ATOM   43  C CD1 . LEU A 1 10 ? 0.852   -2.880  -5.492  1.00 41.44 ? 10   LEU A CD1 1 
ATOM   44  C CD2 . LEU A 1 10 ? 0.456   -5.191  -4.566  1.00 41.26 ? 10   LEU A CD2 1 
ATOM   45  N N   . LYS A 1 11 ? 5.351   -3.968  -3.659  1.00 36.83 ? 11   LYS A N   1 
ATOM   46  C CA  . LYS A 1 11 ? 5.934   -3.679  -2.345  1.00 39.12 ? 11   LYS A CA  1 
ATOM   47  C C   . LYS A 1 11 ? 6.638   -2.337  -2.420  1.00 40.32 ? 11   LYS A C   1 
ATOM   48  O O   . LYS A 1 11 ? 6.539   -1.518  -1.527  1.00 38.36 ? 11   LYS A O   1 
ATOM   49  C CB  . LYS A 1 11 ? 6.888   -4.775  -1.952  1.00 41.36 ? 11   LYS A CB  1 
ATOM   50  C CG  . LYS A 1 11 ? 6.266   -6.101  -1.499  1.00 49.53 ? 11   LYS A CG  1 
ATOM   51  C CD  . LYS A 1 11 ? 7.413   -7.069  -1.104  1.00 51.34 ? 11   LYS A CD  1 
ATOM   52  C CE  . LYS A 1 11 ? 6.986   -8.512  -1.181  1.00 53.36 ? 11   LYS A CE  1 
ATOM   53  N NZ  . LYS A 1 11 ? 8.161   -9.393  -1.290  1.00 50.59 ? 11   LYS A NZ  1 
ATOM   54  N N   . VAL A 1 12 ? 7.293   -2.070  -3.536  1.00 36.35 ? 12   VAL A N   1 
ATOM   55  C CA  . VAL A 1 12 ? 7.949   -0.758  -3.717  1.00 36.90 ? 12   VAL A CA  1 
ATOM   56  C C   . VAL A 1 12 ? 6.923   0.355   -3.797  1.00 34.72 ? 12   VAL A C   1 
ATOM   57  O O   . VAL A 1 12 ? 7.017   1.380   -3.121  1.00 37.14 ? 12   VAL A O   1 
ATOM   58  C CB  . VAL A 1 12 ? 8.827   -0.717  -4.958  1.00 40.23 ? 12   VAL A CB  1 
ATOM   59  C CG1 . VAL A 1 12 ? 9.217   0.727   -5.294  1.00 36.79 ? 12   VAL A CG1 1 
ATOM   60  C CG2 . VAL A 1 12 ? 10.102  -1.559  -4.777  1.00 39.06 ? 12   VAL A CG2 1 
ATOM   61  N N   . ILE A 1 13 ? 5.834   0.113   -4.517  1.00 35.88 ? 13   ILE A N   1 
ATOM   62  C CA  . ILE A 1 13 ? 4.800   1.142   -4.696  1.00 38.31 ? 13   ILE A CA  1 
ATOM   63  C C   . ILE A 1 13 ? 4.108   1.461   -3.396  1.00 34.10 ? 13   ILE A C   1 
ATOM   64  O O   . ILE A 1 13 ? 3.841   2.614   -3.066  1.00 38.08 ? 13   ILE A O   1 
ATOM   65  C CB  . ILE A 1 13 ? 3.754   0.708   -5.742  1.00 35.20 ? 13   ILE A CB  1 
ATOM   66  C CG1 . ILE A 1 13 ? 4.350   0.858   -7.145  1.00 37.03 ? 13   ILE A CG1 1 
ATOM   67  C CG2 . ILE A 1 13 ? 2.443   1.515   -5.615  1.00 37.73 ? 13   ILE A CG2 1 
ATOM   68  C CD1 . ILE A 1 13 ? 3.510   0.075   -8.198  1.00 41.53 ? 13   ILE A CD1 1 
ATOM   69  N N   . VAL A 1 14 ? 3.867   0.437   -2.599  1.00 38.71 ? 14   VAL A N   1 
ATOM   70  C CA  . VAL A 1 14 ? 3.276   0.654   -1.262  1.00 38.39 ? 14   VAL A CA  1 
ATOM   71  C C   . VAL A 1 14 ? 4.212   1.438   -0.319  1.00 36.72 ? 14   VAL A C   1 
ATOM   72  O O   . VAL A 1 14 ? 3.781   2.390   0.337   1.00 39.74 ? 14   VAL A O   1 
ATOM   73  C CB  . VAL A 1 14 ? 2.811   -0.695  -0.672  1.00 38.58 ? 14   VAL A CB  1 
ATOM   74  C CG1 . VAL A 1 14 ? 2.302   -0.534  0.806   1.00 38.89 ? 14   VAL A CG1 1 
ATOM   75  C CG2 . VAL A 1 14 ? 1.681   -1.284  -1.508  1.00 39.12 ? 14   VAL A CG2 1 
ATOM   76  N N   . ALA A 1 15 ? 5.479   1.045   -0.279  1.00 36.28 ? 15   ALA A N   1 
ATOM   77  C CA  . ALA A 1 15 ? 6.509   1.810   0.416   1.00 34.72 ? 15   ALA A CA  1 
ATOM   78  C C   . ALA A 1 15 ? 6.559   3.281   -0.010  1.00 37.79 ? 15   ALA A C   1 
ATOM   79  O O   . ALA A 1 15 ? 6.750   4.154   0.825   1.00 36.86 ? 15   ALA A O   1 
ATOM   80  C CB  . ALA A 1 15 ? 7.893   1.114   0.278   1.00 37.36 ? 15   ALA A CB  1 
ATOM   81  N N   . GLU A 1 16 ? 6.420   3.562   -1.302  1.00 36.76 ? 16   GLU A N   1 
ATOM   82  C CA  . GLU A 1 16 ? 6.471   4.936   -1.776  1.00 39.47 ? 16   GLU A CA  1 
ATOM   83  C C   . GLU A 1 16 ? 5.290   5.735   -1.208  1.00 36.86 ? 16   GLU A C   1 
ATOM   84  O O   . GLU A 1 16 ? 5.428   6.908   -0.812  1.00 38.11 ? 16   GLU A O   1 
ATOM   85  C CB  . GLU A 1 16 ? 6.480   4.981   -3.310  1.00 37.62 ? 16   GLU A CB  1 
ATOM   86  C CG  . GLU A 1 16 ? 7.688   4.368   -3.905  1.00 38.50 ? 16   GLU A CG  1 
ATOM   87  C CD  . GLU A 1 16 ? 8.942   5.183   -3.696  1.00 35.79 ? 16   GLU A CD  1 
ATOM   88  O OE1 . GLU A 1 16 ? 8.915   6.438   -3.670  1.00 35.54 ? 16   GLU A OE1 1 
ATOM   89  O OE2 . GLU A 1 16 ? 10.022  4.565   -3.726  1.00 37.39 ? 16   GLU A OE2 1 
ATOM   90  N N   . LYS A 1 17 ? 4.144   5.084   -1.181  1.00 39.45 ? 17   LYS A N   1 
ATOM   91  C CA  . LYS A 1 17 ? 2.918   5.703   -0.637  1.00 40.70 ? 17   LYS A CA  1 
ATOM   92  C C   . LYS A 1 17 ? 3.074   5.977   0.855   1.00 37.58 ? 17   LYS A C   1 
ATOM   93  O O   . LYS A 1 17 ? 2.869   7.105   1.324   1.00 42.79 ? 17   LYS A O   1 
ATOM   94  C CB  . LYS A 1 17 ? 1.727   4.817   -0.928  1.00 39.52 ? 17   LYS A CB  1 
ATOM   95  C CG  . LYS A 1 17 ? 0.373   5.321   -0.360  1.00 42.94 ? 17   LYS A CG  1 
ATOM   96  C CD  . LYS A 1 17 ? -0.093  6.591   -0.980  1.00 44.61 ? 17   LYS A CD  1 
ATOM   97  C CE  . LYS A 1 17 ? -1.461  6.930   -0.366  1.00 43.68 ? 17   LYS A CE  1 
ATOM   98  N NZ  . LYS A 1 17 ? -2.144  8.011   -1.066  1.00 46.08 ? 17   LYS A NZ  1 
ATOM   99  N N   . LEU A 1 18 ? 3.529   4.962   1.589   1.00 37.46 ? 18   LEU A N   1 
ATOM   100 C CA  . LEU A 1 18 ? 3.817   5.104   3.034   1.00 40.98 ? 18   LEU A CA  1 
ATOM   101 C C   . LEU A 1 18 ? 4.815   6.217   3.345   1.00 41.51 ? 18   LEU A C   1 
ATOM   102 O O   . LEU A 1 18 ? 4.678   6.997   4.309   1.00 41.06 ? 18   LEU A O   1 
ATOM   103 C CB  . LEU A 1 18 ? 4.293   3.759   3.567   1.00 37.29 ? 18   LEU A CB  1 
ATOM   104 C CG  . LEU A 1 18 ? 3.296   2.598   3.529   1.00 39.50 ? 18   LEU A CG  1 
ATOM   105 C CD1 . LEU A 1 18 ? 4.063   1.343   4.045   1.00 42.25 ? 18   LEU A CD1 1 
ATOM   106 C CD2 . LEU A 1 18 ? 2.045   2.923   4.370   1.00 38.34 ? 18   LEU A CD2 1 
ATOM   107 N N   . ALA A 1 19 ? 5.847   6.343   2.511   1.00 39.68 ? 19   ALA A N   1 
ATOM   108 C CA  . ALA A 1 19 ? 6.858   7.350   2.757   1.00 39.75 ? 19   ALA A CA  1 
ATOM   109 C C   . ALA A 1 19 ? 6.314   8.773   2.708   1.00 39.65 ? 19   ALA A C   1 
ATOM   110 O O   . ALA A 1 19 ? 7.007   9.715   3.129   1.00 39.91 ? 19   ALA A O   1 
ATOM   111 C CB  . ALA A 1 19 ? 8.015   7.227   1.743   1.00 34.67 ? 19   ALA A CB  1 
ATOM   112 N N   . GLY A 1 20 ? 5.158   8.948   2.092   1.00 43.00 ? 20   GLY A N   1 
ATOM   113 C CA  . GLY A 1 20 ? 4.614   10.300  1.884   1.00 45.30 ? 20   GLY A CA  1 
ATOM   114 C C   . GLY A 1 20 ? 3.633   10.713  2.972   1.00 46.88 ? 20   GLY A C   1 
ATOM   115 O O   . GLY A 1 20 ? 3.128   11.842  2.987   1.00 44.80 ? 20   GLY A O   1 
ATOM   116 N N   . ILE A 1 21 ? 3.406   9.815   3.920   1.00 43.72 ? 21   ILE A N   1 
ATOM   117 C CA  . ILE A 1 21 ? 2.443   10.059  5.002   1.00 48.61 ? 21   ILE A CA  1 
ATOM   118 C C   . ILE A 1 21 ? 3.080   10.818  6.157   1.00 50.29 ? 21   ILE A C   1 
ATOM   119 O O   . ILE A 1 21 ? 4.022   10.339  6.807   1.00 44.89 ? 21   ILE A O   1 
ATOM   120 C CB  . ILE A 1 21 ? 1.862   8.725   5.544   1.00 42.02 ? 21   ILE A CB  1 
ATOM   121 C CG1 . ILE A 1 21 ? 1.144   8.002   4.417   1.00 47.98 ? 21   ILE A CG1 1 
ATOM   122 C CG2 . ILE A 1 21 ? 1.063   8.980   6.837   1.00 42.19 ? 21   ILE A CG2 1 
ATOM   123 C CD1 . ILE A 1 21 ? 0.695   6.592   4.782   1.00 51.15 ? 21   ILE A CD1 1 
ATOM   124 N N   . PRO A 1 22 ? 2.556   12.021  6.436   1.00 52.05 ? 22   PRO A N   1 
ATOM   125 C CA  . PRO A 1 22 ? 3.153   12.760  7.524   1.00 52.36 ? 22   PRO A CA  1 
ATOM   126 C C   . PRO A 1 22 ? 2.987   12.005  8.828   1.00 45.28 ? 22   PRO A C   1 
ATOM   127 O O   . PRO A 1 22 ? 1.933   11.432  9.072   1.00 49.37 ? 22   PRO A O   1 
ATOM   128 C CB  . PRO A 1 22 ? 2.373   14.087  7.534   1.00 55.13 ? 22   PRO A CB  1 
ATOM   129 C CG  . PRO A 1 22 ? 1.736   14.189  6.167   1.00 56.91 ? 22   PRO A CG  1 
ATOM   130 C CD  . PRO A 1 22 ? 1.449   12.758  5.789   1.00 56.16 ? 22   PRO A CD  1 
ATOM   131 N N   . ASN A 1 23 ? 4.034   12.008  9.642   1.00 47.08 ? 23   ASN A N   1 
ATOM   132 C CA  . ASN A 1 23 ? 4.008   11.396  10.969  1.00 57.02 ? 23   ASN A CA  1 
ATOM   133 C C   . ASN A 1 23 ? 3.912   9.890   10.951  1.00 55.75 ? 23   ASN A C   1 
ATOM   134 O O   . ASN A 1 23 ? 3.466   9.305   11.925  1.00 53.62 ? 23   ASN A O   1 
ATOM   135 C CB  . ASN A 1 23 ? 2.826   11.896  11.805  1.00 61.83 ? 23   ASN A CB  1 
ATOM   136 C CG  . ASN A 1 23 ? 2.938   13.350  12.149  1.00 63.69 ? 23   ASN A CG  1 
ATOM   137 O OD1 . ASN A 1 23 ? 2.262   14.186  11.550  1.00 66.72 ? 23   ASN A OD1 1 
ATOM   138 N ND2 . ASN A 1 23 ? 3.799   13.668  13.113  1.00 70.44 ? 23   ASN A ND2 1 
ATOM   139 N N   . PHE A 1 24 ? 4.273   9.256   9.847   1.00 52.62 ? 24   PHE A N   1 
ATOM   140 C CA  . PHE A 1 24 ? 4.241   7.817   9.808   1.00 57.26 ? 24   PHE A CA  1 
ATOM   141 C C   . PHE A 1 24 ? 5.510   7.245   10.421  1.00 63.42 ? 24   PHE A C   1 
ATOM   142 O O   . PHE A 1 24 ? 6.593   7.386   9.847   1.00 68.69 ? 24   PHE A O   1 
ATOM   143 C CB  . PHE A 1 24 ? 4.112   7.353   8.371   1.00 52.89 ? 24   PHE A CB  1 
ATOM   144 C CG  . PHE A 1 24 ? 3.842   5.893   8.250   1.00 49.55 ? 24   PHE A CG  1 
ATOM   145 C CD1 . PHE A 1 24 ? 2.558   5.402   8.315   1.00 50.70 ? 24   PHE A CD1 1 
ATOM   146 C CD2 . PHE A 1 24 ? 4.884   5.016   8.082   1.00 51.08 ? 24   PHE A CD2 1 
ATOM   147 C CE1 . PHE A 1 24 ? 2.324   4.067   8.229   1.00 50.45 ? 24   PHE A CE1 1 
ATOM   148 C CE2 . PHE A 1 24 ? 4.659   3.690   8.001   1.00 50.47 ? 24   PHE A CE2 1 
ATOM   149 C CZ  . PHE A 1 24 ? 3.394   3.207   8.082   1.00 47.87 ? 24   PHE A CZ  1 
ATOM   150 N N   . ASN A 1 25 ? 5.369   6.582   11.563  1.00 59.68 ? 25   ASN A N   1 
ATOM   151 C CA  . ASN A 1 25 ? 6.534   6.194   12.368  1.00 69.63 ? 25   ASN A CA  1 
ATOM   152 C C   . ASN A 1 25 ? 6.991   4.728   12.240  1.00 70.85 ? 25   ASN A C   1 
ATOM   153 O O   . ASN A 1 25 ? 8.052   4.338   12.743  1.00 70.06 ? 25   ASN A O   1 
ATOM   154 C CB  . ASN A 1 25 ? 6.303   6.579   13.843  1.00 76.77 ? 25   ASN A CB  1 
ATOM   155 C CG  . ASN A 1 25 ? 5.805   5.428   14.708  1.00 78.14 ? 25   ASN A CG  1 
ATOM   156 O OD1 . ASN A 1 25 ? 4.817   4.770   14.389  1.00 82.81 ? 25   ASN A OD1 1 
ATOM   157 N ND2 . ASN A 1 25 ? 6.478   5.210   15.840  1.00 78.87 ? 25   ASN A ND2 1 
ATOM   158 N N   . GLU A 1 26 ? 6.215   3.935   11.514  1.00 61.37 ? 26   GLU A N   1 
ATOM   159 C CA  . GLU A 1 26 ? 6.365   2.489   11.525  1.00 55.67 ? 26   GLU A CA  1 
ATOM   160 C C   . GLU A 1 26 ? 7.388   2.033   10.482  1.00 47.20 ? 26   GLU A C   1 
ATOM   161 O O   . GLU A 1 26 ? 7.756   2.781   9.590   1.00 49.67 ? 26   GLU A O   1 
ATOM   162 C CB  . GLU A 1 26 ? 4.989   1.879   11.255  1.00 59.05 ? 26   GLU A CB  1 
ATOM   163 C CG  . GLU A 1 26 ? 3.899   2.335   12.243  1.00 62.02 ? 26   GLU A CG  1 
ATOM   164 C CD  . GLU A 1 26 ? 3.868   1.467   13.488  1.00 64.00 ? 26   GLU A CD  1 
ATOM   165 O OE1 . GLU A 1 26 ? 4.907   0.833   13.793  1.00 62.40 ? 26   GLU A OE1 1 
ATOM   166 O OE2 . GLU A 1 26 ? 2.801   1.415   14.139  1.00 66.64 ? 26   GLU A OE2 1 
ATOM   167 N N   . ASP A 1 27 ? 7.841   0.788   10.570  1.00 48.92 ? 27   ASP A N   1 
ATOM   168 C CA  . ASP A 1 27 ? 8.829   0.255   9.645   1.00 45.17 ? 27   ASP A CA  1 
ATOM   169 C C   . ASP A 1 27 ? 8.141   0.140   8.295   1.00 49.66 ? 27   ASP A C   1 
ATOM   170 O O   . ASP A 1 27 ? 7.230   -0.695  8.130   1.00 41.03 ? 27   ASP A O   1 
ATOM   171 C CB  . ASP A 1 27 ? 9.262   -1.097  10.223  1.00 43.78 ? 27   ASP A CB  1 
ATOM   172 C CG  . ASP A 1 27 ? 10.298  -1.808  9.399   1.00 45.18 ? 27   ASP A CG  1 
ATOM   173 O OD1 . ASP A 1 27 ? 10.330  -1.699  8.156   1.00 44.55 ? 27   ASP A OD1 1 
ATOM   174 O OD2 . ASP A 1 27 ? 11.090  -2.539  10.017  1.00 49.91 ? 27   ASP A OD2 1 
ATOM   175 N N   . ILE A 1 28 ? 8.552   0.979   7.325   1.00 46.52 ? 28   ILE A N   1 
ATOM   176 C CA  . ILE A 1 28 ? 7.838   1.059   6.045   1.00 44.66 ? 28   ILE A CA  1 
ATOM   177 C C   . ILE A 1 28 ? 7.974   -0.250  5.272   1.00 39.42 ? 28   ILE A C   1 
ATOM   178 O O   . ILE A 1 28 ? 6.989   -0.727  4.756   1.00 41.41 ? 28   ILE A O   1 
ATOM   179 C CB  . ILE A 1 28 ? 8.331   2.255   5.212   1.00 47.86 ? 28   ILE A CB  1 
ATOM   180 C CG1 . ILE A 1 28 ? 7.753   3.546   5.787   1.00 49.39 ? 28   ILE A CG1 1 
ATOM   181 C CG2 . ILE A 1 28 ? 7.940   2.138   3.760   1.00 52.05 ? 28   ILE A CG2 1 
ATOM   182 C CD1 . ILE A 1 28 ? 8.491   4.802   5.205   1.00 47.38 ? 28   ILE A CD1 1 
ATOM   183 N N   . LYS A 1 29 ? 9.169   -0.823  5.241   1.00 39.98 ? 29   LYS A N   1 
ATOM   184 C CA  . LYS A 1 29 ? 9.462   -2.004  4.430   1.00 45.65 ? 29   LYS A CA  1 
ATOM   185 C C   . LYS A 1 29 ? 8.579   -3.137  4.962   1.00 47.28 ? 29   LYS A C   1 
ATOM   186 O O   . LYS A 1 29 ? 7.968   -3.881  4.194   1.00 41.70 ? 29   LYS A O   1 
ATOM   187 C CB  . LYS A 1 29 ? 10.924  -2.354  4.534   1.00 50.91 ? 29   LYS A CB  1 
ATOM   188 C CG  . LYS A 1 29 ? 11.391  -3.432  3.567   1.00 57.89 ? 29   LYS A CG  1 
ATOM   189 C CD  . LYS A 1 29 ? 12.915  -3.671  3.612   1.00 61.01 ? 29   LYS A CD  1 
ATOM   190 C CE  . LYS A 1 29 ? 13.684  -2.684  2.732   1.00 65.94 ? 29   LYS A CE  1 
ATOM   191 N NZ  . LYS A 1 29 ? 13.087  -2.604  1.365   1.00 64.12 ? 29   LYS A NZ  1 
ATOM   192 N N   . TYR A 1 30 ? 8.467   -3.224  6.283   1.00 45.32 ? 30   TYR A N   1 
ATOM   193 C CA  . TYR A 1 30 ? 7.655   -4.298  6.876   1.00 42.17 ? 30   TYR A CA  1 
ATOM   194 C C   . TYR A 1 30 ? 6.183   -4.104  6.611   1.00 39.67 ? 30   TYR A C   1 
ATOM   195 O O   . TYR A 1 30 ? 5.520   -5.067  6.195   1.00 41.09 ? 30   TYR A O   1 
ATOM   196 C CB  . TYR A 1 30 ? 7.852   -4.365  8.383   1.00 40.11 ? 30   TYR A CB  1 
ATOM   197 C CG  . TYR A 1 30 ? 6.969   -5.401  9.065   1.00 36.16 ? 30   TYR A CG  1 
ATOM   198 C CD1 . TYR A 1 30 ? 7.226   -6.746  8.910   1.00 40.54 ? 30   TYR A CD1 1 
ATOM   199 C CD2 . TYR A 1 30 ? 5.902   -5.037  9.877   1.00 37.18 ? 30   TYR A CD2 1 
ATOM   200 C CE1 . TYR A 1 30 ? 6.443   -7.704  9.562   1.00 34.04 ? 30   TYR A CE1 1 
ATOM   201 C CE2 . TYR A 1 30 ? 5.095   -6.001  10.521  1.00 36.11 ? 30   TYR A CE2 1 
ATOM   202 C CZ  . TYR A 1 30 ? 5.372   -7.337  10.333  1.00 39.29 ? 30   TYR A CZ  1 
ATOM   203 O OH  . TYR A 1 30 ? 4.645   -8.326  10.984  1.00 32.49 ? 30   TYR A OH  1 
ATOM   204 N N   . VAL A 1 31 ? 5.669   -2.893  6.863   1.00 38.27 ? 31   VAL A N   1 
ATOM   205 C CA  . VAL A 1 31 ? 4.247   -2.577  6.582   1.00 39.25 ? 31   VAL A CA  1 
ATOM   206 C C   . VAL A 1 31 ? 3.951   -2.867  5.093   1.00 43.27 ? 31   VAL A C   1 
ATOM   207 O O   . VAL A 1 31 ? 2.937   -3.500  4.764   1.00 38.93 ? 31   VAL A O   1 
ATOM   208 C CB  . VAL A 1 31 ? 3.847   -1.150  6.996   1.00 38.96 ? 31   VAL A CB  1 
ATOM   209 C CG1 . VAL A 1 31 ? 2.387   -0.814  6.586   1.00 38.49 ? 31   VAL A CG1 1 
ATOM   210 C CG2 . VAL A 1 31 ? 4.061   -0.902  8.503   1.00 48.37 ? 31   VAL A CG2 1 
ATOM   211 N N   . ALA A 1 32 ? 4.827   -2.464  4.188   1.00 42.47 ? 32   ALA A N   1 
ATOM   212 C CA  . ALA A 1 32 ? 4.621   -2.738  2.769   1.00 42.62 ? 32   ALA A CA  1 
ATOM   213 C C   . ALA A 1 32 ? 4.572   -4.249  2.500   1.00 41.30 ? 32   ALA A C   1 
ATOM   214 O O   . ALA A 1 32 ? 3.711   -4.758  1.765   1.00 39.75 ? 32   ALA A O   1 
ATOM   215 C CB  . ALA A 1 32 ? 5.727   -2.074  1.933   1.00 42.42 ? 32   ALA A CB  1 
ATOM   216 N N   . GLU A 1 33 ? 5.457   -5.003  3.128   1.00 44.49 ? 33   GLU A N   1 
ATOM   217 C CA  . GLU A 1 33 ? 5.462   -6.451  2.921   1.00 41.72 ? 33   GLU A CA  1 
ATOM   218 C C   . GLU A 1 33 ? 4.176   -7.065  3.459   1.00 38.85 ? 33   GLU A C   1 
ATOM   219 O O   . GLU A 1 33 ? 3.642   -8.017  2.872   1.00 39.44 ? 33   GLU A O   1 
ATOM   220 C CB  . GLU A 1 33 ? 6.669   -7.070  3.601   1.00 41.74 ? 33   GLU A CB  1 
ATOM   221 C CG  . GLU A 1 33 ? 7.963   -6.846  2.814   1.00 48.80 ? 33   GLU A CG  1 
ATOM   222 C CD  . GLU A 1 33 ? 8.414   -8.082  2.040   1.00 65.40 ? 33   GLU A CD  1 
ATOM   223 O OE1 . GLU A 1 33 ? 7.676   -9.100  2.022   1.00 66.31 ? 33   GLU A OE1 1 
ATOM   224 O OE2 . GLU A 1 33 ? 9.540   -8.042  1.483   1.00 72.19 ? 33   GLU A OE2 1 
ATOM   225 N N   . TYR A 1 34 ? 3.731   -6.566  4.602   1.00 42.32 ? 34   TYR A N   1 
ATOM   226 C CA  . TYR A 1 34 ? 2.560   -7.153  5.247   1.00 40.28 ? 34   TYR A CA  1 
ATOM   227 C C   . TYR A 1 34 ? 1.347   -6.856  4.363   1.00 39.17 ? 34   TYR A C   1 
ATOM   228 O O   . TYR A 1 34 ? 0.517   -7.739  4.123   1.00 40.46 ? 34   TYR A O   1 
ATOM   229 C CB  . TYR A 1 34 ? 2.316   -6.555  6.622   1.00 38.71 ? 34   TYR A CB  1 
ATOM   230 C CG  . TYR A 1 34 ? 1.532   -7.431  7.544   1.00 35.53 ? 34   TYR A CG  1 
ATOM   231 C CD1 . TYR A 1 34 ? 2.145   -8.321  8.381   1.00 39.70 ? 34   TYR A CD1 1 
ATOM   232 C CD2 . TYR A 1 34 ? 0.159   -7.411  7.554   1.00 40.81 ? 34   TYR A CD2 1 
ATOM   233 C CE1 . TYR A 1 34 ? 1.403   -9.153  9.231   1.00 41.13 ? 34   TYR A CE1 1 
ATOM   234 C CE2 . TYR A 1 34 ? -0.564  -8.235  8.374   1.00 39.82 ? 34   TYR A CE2 1 
ATOM   235 C CZ  . TYR A 1 34 ? 0.039   -9.119  9.199   1.00 43.38 ? 34   TYR A CZ  1 
ATOM   236 O OH  . TYR A 1 34 ? -0.805  -9.896  9.983   1.00 44.22 ? 34   TYR A OH  1 
ATOM   237 N N   . ILE A 1 35 ? 1.250   -5.629  3.885   1.00 37.73 ? 35   ILE A N   1 
ATOM   238 C CA  . ILE A 1 35 ? 0.154   -5.246  2.989   1.00 42.87 ? 35   ILE A CA  1 
ATOM   239 C C   . ILE A 1 35 ? 0.078   -6.115  1.732   1.00 41.51 ? 35   ILE A C   1 
ATOM   240 O O   . ILE A 1 35 ? -0.971  -6.665  1.387   1.00 37.45 ? 35   ILE A O   1 
ATOM   241 C CB  . ILE A 1 35 ? 0.164   -3.740  2.654   1.00 41.94 ? 35   ILE A CB  1 
ATOM   242 C CG1 . ILE A 1 35 ? -0.166  -2.928  3.921   1.00 41.64 ? 35   ILE A CG1 1 
ATOM   243 C CG2 . ILE A 1 35 ? -0.791  -3.461  1.455   1.00 44.06 ? 35   ILE A CG2 1 
ATOM   244 C CD1 . ILE A 1 35 ? -0.067  -1.408  3.691   1.00 42.74 ? 35   ILE A CD1 1 
ATOM   245 N N   . VAL A 1 36 ? 1.212   -6.331  1.100   1.00 41.78 ? 36   VAL A N   1 
ATOM   246 C CA  . VAL A 1 36 ? 1.241   -7.135  -0.093  1.00 39.11 ? 36   VAL A CA  1 
ATOM   247 C C   . VAL A 1 36 ? 0.933   -8.591  0.191   1.00 39.45 ? 36   VAL A C   1 
ATOM   248 O O   . VAL A 1 36 ? 0.272   -9.228  -0.607  1.00 42.41 ? 36   VAL A O   1 
ATOM   249 C CB  . VAL A 1 36 ? 2.576   -6.933  -0.795  1.00 44.67 ? 36   VAL A CB  1 
ATOM   250 C CG1 . VAL A 1 36 ? 2.783   -7.977  -1.901  1.00 44.68 ? 36   VAL A CG1 1 
ATOM   251 C CG2 . VAL A 1 36 ? 2.638   -5.472  -1.265  1.00 41.89 ? 36   VAL A CG2 1 
ATOM   252 N N   . LEU A 1 37 ? 1.362   -9.117  1.340   1.00 41.33 ? 37   LEU A N   1 
ATOM   253 C CA  . LEU A 1 37 ? 0.976   -10.449 1.771   1.00 41.02 ? 37   LEU A CA  1 
ATOM   254 C C   . LEU A 1 37 ? -0.553  -10.565 1.863   1.00 37.30 ? 37   LEU A C   1 
ATOM   255 O O   . LEU A 1 37 ? -1.115  -11.596 1.430   1.00 38.51 ? 37   LEU A O   1 
ATOM   256 C CB  . LEU A 1 37 ? 1.591   -10.772 3.143   1.00 41.41 ? 37   LEU A CB  1 
ATOM   257 C CG  . LEU A 1 37 ? 1.180   -12.071 3.826   1.00 43.61 ? 37   LEU A CG  1 
ATOM   258 C CD1 . LEU A 1 37 ? 1.766   -13.280 3.130   1.00 46.19 ? 37   LEU A CD1 1 
ATOM   259 C CD2 . LEU A 1 37 ? 1.608   -12.077 5.293   1.00 42.24 ? 37   LEU A CD2 1 
ATOM   260 N N   . LEU A 1 38 ? -1.188  -9.563  2.461   1.00 39.42 ? 38   LEU A N   1 
ATOM   261 C CA  . LEU A 1 38 ? -2.650  -9.603  2.673   1.00 35.37 ? 38   LEU A CA  1 
ATOM   262 C C   . LEU A 1 38 ? -3.362  -9.537  1.309   1.00 40.76 ? 38   LEU A C   1 
ATOM   263 O O   . LEU A 1 38 ? -4.305  -10.256 1.071   1.00 40.21 ? 38   LEU A O   1 
ATOM   264 C CB  . LEU A 1 38 ? -3.078  -8.442  3.564   1.00 40.61 ? 38   LEU A CB  1 
ATOM   265 C CG  . LEU A 1 38 ? -2.648  -8.602  5.038   1.00 41.89 ? 38   LEU A CG  1 
ATOM   266 C CD1 . LEU A 1 38 ? -2.890  -7.312  5.803   1.00 36.65 ? 38   LEU A CD1 1 
ATOM   267 C CD2 . LEU A 1 38 ? -3.329  -9.840  5.631   1.00 44.50 ? 38   LEU A CD2 1 
ATOM   268 N N   . ILE A 1 39 ? -2.859  -8.721  0.394   1.00 38.12 ? 39   ILE A N   1 
ATOM   269 C CA  . ILE A 1 39 ? -3.546  -8.457  -0.883  1.00 40.45 ? 39   ILE A CA  1 
ATOM   270 C C   . ILE A 1 39 ? -3.354  -9.616  -1.813  1.00 44.90 ? 39   ILE A C   1 
ATOM   271 O O   . ILE A 1 39 ? -4.321  -10.192 -2.303  1.00 48.43 ? 39   ILE A O   1 
ATOM   272 C CB  . ILE A 1 39 ? -3.088  -7.168  -1.566  1.00 43.09 ? 39   ILE A CB  1 
ATOM   273 C CG1 . ILE A 1 39 ? -3.588  -5.970  -0.758  1.00 44.69 ? 39   ILE A CG1 1 
ATOM   274 C CG2 . ILE A 1 39 ? -3.547  -7.166  -3.047  1.00 47.77 ? 39   ILE A CG2 1 
ATOM   275 C CD1 . ILE A 1 39 ? -3.050  -4.606  -1.204  1.00 50.08 ? 39   ILE A CD1 1 
ATOM   276 N N   . VAL A 1 40 ? -2.104  -10.035 -1.989  1.00 43.12 ? 40   VAL A N   1 
ATOM   277 C CA  . VAL A 1 40 ? -1.835  -11.126 -2.882  1.00 50.37 ? 40   VAL A CA  1 
ATOM   278 C C   . VAL A 1 40 ? -2.591  -12.388 -2.506  1.00 48.16 ? 40   VAL A C   1 
ATOM   279 O O   . VAL A 1 40 ? -2.915  -13.205 -3.359  1.00 55.98 ? 40   VAL A O   1 
ATOM   280 C CB  . VAL A 1 40 ? -0.340  -11.426 -2.879  1.00 53.86 ? 40   VAL A CB  1 
ATOM   281 C CG1 . VAL A 1 40 ? -0.112  -12.889 -3.236  1.00 55.40 ? 40   VAL A CG1 1 
ATOM   282 C CG2 . VAL A 1 40 ? 0.317   -10.441 -3.844  1.00 50.84 ? 40   VAL A CG2 1 
ATOM   283 N N   . ASN A 1 41 ? -2.873  -12.567 -1.221  1.00 51.79 ? 41   ASN A N   1 
ATOM   284 C CA  . ASN A 1 41 ? -3.566  -13.771 -0.822  1.00 51.01 ? 41   ASN A CA  1 
ATOM   285 C C   . ASN A 1 41 ? -5.084  -13.707 -0.837  1.00 50.69 ? 41   ASN A C   1 
ATOM   286 O O   . ASN A 1 41 ? -5.744  -14.628 -0.353  1.00 53.99 ? 41   ASN A O   1 
ATOM   287 C CB  . ASN A 1 41 ? -3.031  -14.256 0.517   1.00 60.05 ? 41   ASN A CB  1 
ATOM   288 C CG  . ASN A 1 41 ? -1.718  -14.986 0.350   1.00 66.40 ? 41   ASN A CG  1 
ATOM   289 O OD1 . ASN A 1 41 ? -1.693  -16.130 -0.117  1.00 71.20 ? 41   ASN A OD1 1 
ATOM   290 N ND2 . ASN A 1 41 ? -0.616  -14.305 0.661   1.00 63.90 ? 41   ASN A ND2 1 
ATOM   291 N N   . GLY A 1 42 ? -5.650  -12.649 -1.402  1.00 41.80 ? 42   GLY A N   1 
ATOM   292 C CA  . GLY A 1 42 ? -7.106  -12.605 -1.580  1.00 47.97 ? 42   GLY A CA  1 
ATOM   293 C C   . GLY A 1 42 ? -7.900  -11.772 -0.571  1.00 37.10 ? 42   GLY A C   1 
ATOM   294 O O   . GLY A 1 42 ? -9.103  -11.961 -0.447  1.00 44.29 ? 42   GLY A O   1 
ATOM   295 N N   . GLY A 1 43 ? -7.253  -10.887 0.177   1.00 41.79 ? 43   GLY A N   1 
ATOM   296 C CA  . GLY A 1 43 ? -8.039  -10.030 1.090   1.00 47.14 ? 43   GLY A CA  1 
ATOM   297 C C   . GLY A 1 43 ? -9.009  -9.059  0.399   1.00 37.58 ? 43   GLY A C   1 
ATOM   298 O O   . GLY A 1 43 ? -8.760  -8.622  -0.720  1.00 42.50 ? 43   GLY A O   1 
ATOM   299 N N   . THR A 1 44 ? -10.097 -8.721  1.066   1.00 46.24 ? 44   THR A N   1 
ATOM   300 C CA  . THR A 1 44 ? -10.982 -7.648  0.600   1.00 43.12 ? 44   THR A CA  1 
ATOM   301 C C   . THR A 1 44 ? -10.387 -6.320  1.069   1.00 46.81 ? 44   THR A C   1 
ATOM   302 O O   . THR A 1 44 ? -9.512  -6.311  1.905   1.00 42.43 ? 44   THR A O   1 
ATOM   303 C CB  . THR A 1 44 ? -12.355 -7.810  1.145   1.00 42.24 ? 44   THR A CB  1 
ATOM   304 O OG1 . THR A 1 44 ? -12.287 -7.819  2.573   1.00 40.63 ? 44   THR A OG1 1 
ATOM   305 C CG2 . THR A 1 44 ? -13.051 -9.091  0.623   1.00 40.34 ? 44   THR A CG2 1 
ATOM   306 N N   . VAL A 1 45 ? -10.820 -5.191  0.525   1.00 39.16 ? 45   VAL A N   1 
ATOM   307 C CA  . VAL A 1 45 ? -10.318 -3.912  0.988   1.00 38.61 ? 45   VAL A CA  1 
ATOM   308 C C   . VAL A 1 45 ? -10.535 -3.775  2.507   1.00 35.35 ? 45   VAL A C   1 
ATOM   309 O O   . VAL A 1 45 ? -9.609  -3.405  3.229   1.00 38.28 ? 45   VAL A O   1 
ATOM   310 C CB  . VAL A 1 45 ? -10.994 -2.742  0.238   1.00 39.49 ? 45   VAL A CB  1 
ATOM   311 C CG1 . VAL A 1 45 ? -10.460 -1.439  0.844   1.00 47.34 ? 45   VAL A CG1 1 
ATOM   312 C CG2 . VAL A 1 45 ? -10.726 -2.843  -1.284  1.00 43.98 ? 45   VAL A CG2 1 
ATOM   313 N N   . GLU A 1 46 ? -11.739 -4.040  2.960   1.00 40.03 ? 46   GLU A N   1 
ATOM   314 C CA  . GLU A 1 46 ? -12.106 -4.011  4.371   1.00 46.50 ? 46   GLU A CA  1 
ATOM   315 C C   . GLU A 1 46 ? -11.290 -4.935  5.291   1.00 40.26 ? 46   GLU A C   1 
ATOM   316 O O   . GLU A 1 46 ? -10.818 -4.486  6.335   1.00 47.72 ? 46   GLU A O   1 
ATOM   317 C CB  . GLU A 1 46 ? -13.577 -4.395  4.494   1.00 54.66 ? 46   GLU A CB  1 
ATOM   318 C CG  . GLU A 1 46 ? -14.040 -5.522  3.503   1.00 60.00 ? 46   GLU A CG  1 
ATOM   319 C CD  . GLU A 1 46 ? -14.724 -5.028  2.193   1.00 62.47 ? 46   GLU A CD  1 
ATOM   320 O OE1 . GLU A 1 46 ? -14.056 -4.413  1.305   1.00 37.14 ? 46   GLU A OE1 1 
ATOM   321 O OE2 . GLU A 1 46 ? -15.951 -5.304  2.080   1.00 68.93 ? 46   GLU A OE2 1 
ATOM   322 N N   . SER A 1 47 ? -11.074 -6.177  4.863   1.00 44.04 ? 47   SER A N   1 
ATOM   323 C CA  . SER A 1 47 ? -10.302 -7.162  5.632   1.00 44.03 ? 47   SER A CA  1 
ATOM   324 C C   . SER A 1 47 ? -8.841  -6.754  5.720   1.00 40.91 ? 47   SER A C   1 
ATOM   325 O O   . SER A 1 47 ? -8.177  -6.955  6.734   1.00 41.13 ? 47   SER A O   1 
ATOM   326 C CB  . SER A 1 47 ? -10.450 -8.590  5.080   1.00 43.61 ? 47   SER A CB  1 
ATOM   327 O OG  . SER A 1 47 ? -9.473  -8.895  4.076   1.00 43.24 ? 47   SER A OG  1 
ATOM   328 N N   . VAL A 1 48 ? -8.294  -6.166  4.677   1.00 39.58 ? 48   VAL A N   1 
ATOM   329 C CA  . VAL A 1 48 ? -6.914  -5.742  4.742   1.00 37.55 ? 48   VAL A CA  1 
ATOM   330 C C   . VAL A 1 48 ? -6.809  -4.524  5.690   1.00 42.31 ? 48   VAL A C   1 
ATOM   331 O O   . VAL A 1 48 ? -5.878  -4.438  6.486   1.00 38.01 ? 48   VAL A O   1 
ATOM   332 C CB  . VAL A 1 48 ? -6.318  -5.446  3.356   1.00 37.48 ? 48   VAL A CB  1 
ATOM   333 C CG1 . VAL A 1 48 ? -4.911  -4.863  3.480   1.00 39.57 ? 48   VAL A CG1 1 
ATOM   334 C CG2 . VAL A 1 48 ? -6.456  -6.728  2.470   1.00 40.19 ? 48   VAL A CG2 1 
ATOM   335 N N   . VAL A 1 49 ? -7.731  -3.582  5.585   1.00 38.51 ? 49   VAL A N   1 
ATOM   336 C CA  . VAL A 1 49 ? -7.671  -2.397  6.457   1.00 38.00 ? 49   VAL A CA  1 
ATOM   337 C C   . VAL A 1 49 ? -7.845  -2.795  7.919   1.00 41.47 ? 49   VAL A C   1 
ATOM   338 O O   . VAL A 1 49 ? -7.040  -2.427  8.794   1.00 38.93 ? 49   VAL A O   1 
ATOM   339 C CB  . VAL A 1 49 ? -8.691  -1.357  6.016   1.00 38.39 ? 49   VAL A CB  1 
ATOM   340 C CG1 . VAL A 1 49 ? -8.688  -0.152  6.982   1.00 44.24 ? 49   VAL A CG1 1 
ATOM   341 C CG2 . VAL A 1 49 ? -8.315  -0.863  4.613   1.00 36.83 ? 49   VAL A CG2 1 
ATOM   342 N N   . ASP A 1 50 ? -8.851  -3.616  8.150   1.00 43.83 ? 50   ASP A N   1 
ATOM   343 C CA  . ASP A 1 50 ? -9.072  -4.228  9.465   1.00 46.29 ? 50   ASP A CA  1 
ATOM   344 C C   . ASP A 1 50 ? -7.796  -4.837  10.073  1.00 40.30 ? 50   ASP A C   1 
ATOM   345 O O   . ASP A 1 50 ? -7.483  -4.564  11.227  1.00 44.88 ? 50   ASP A O   1 
ATOM   346 C CB  . ASP A 1 50 ? -10.127 -5.329  9.374   1.00 44.21 ? 50   ASP A CB  1 
ATOM   347 C CG  . ASP A 1 50 ? -11.516 -4.801  9.314   1.00 52.49 ? 50   ASP A CG  1 
ATOM   348 O OD1 . ASP A 1 50 ? -11.690 -3.584  9.566   1.00 50.30 ? 50   ASP A OD1 1 
ATOM   349 O OD2 . ASP A 1 50 ? -12.429 -5.629  9.047   1.00 51.95 ? 50   ASP A OD2 1 
ATOM   350 N N   . GLU A 1 51 ? -7.069  -5.656  9.308   1.00 43.40 ? 51   GLU A N   1 
ATOM   351 C CA  . GLU A 1 51 ? -5.916  -6.366  9.809   1.00 43.63 ? 51   GLU A CA  1 
ATOM   352 C C   . GLU A 1 51 ? -4.835  -5.352  10.134  1.00 40.78 ? 51   GLU A C   1 
ATOM   353 O O   . GLU A 1 51 ? -4.212  -5.445  11.194  1.00 41.55 ? 51   GLU A O   1 
ATOM   354 C CB  . GLU A 1 51 ? -5.433  -7.455  8.834   1.00 43.00 ? 51   GLU A CB  1 
ATOM   355 C CG  . GLU A 1 51 ? -4.085  -8.086  9.101   1.00 56.27 ? 51   GLU A CG  1 
ATOM   356 C CD  . GLU A 1 51 ? -4.143  -9.306  10.017  1.00 58.31 ? 51   GLU A CD  1 
ATOM   357 O OE1 . GLU A 1 51 ? -5.136  -9.411  10.774  1.00 53.35 ? 51   GLU A OE1 1 
ATOM   358 O OE2 . GLU A 1 51 ? -3.205  -10.139 9.962   1.00 63.03 ? 51   GLU A OE2 1 
ATOM   359 N N   . LEU A 1 52 ? -4.618  -4.367  9.269   1.00 36.17 ? 52   LEU A N   1 
ATOM   360 C CA  . LEU A 1 52 ? -3.575  -3.368  9.502   1.00 36.19 ? 52   LEU A CA  1 
ATOM   361 C C   . LEU A 1 52 ? -3.874  -2.519  10.763  1.00 37.24 ? 52   LEU A C   1 
ATOM   362 O O   . LEU A 1 52 ? -2.971  -2.175  11.543  1.00 35.21 ? 52   LEU A O   1 
ATOM   363 C CB  . LEU A 1 52 ? -3.431  -2.450  8.293   1.00 37.26 ? 52   LEU A CB  1 
ATOM   364 C CG  . LEU A 1 52 ? -2.919  -3.101  7.014   1.00 41.14 ? 52   LEU A CG  1 
ATOM   365 C CD1 . LEU A 1 52 ? -3.095  -2.138  5.760   1.00 41.09 ? 52   LEU A CD1 1 
ATOM   366 C CD2 . LEU A 1 52 ? -1.532  -3.540  7.260   1.00 35.94 ? 52   LEU A CD2 1 
ATOM   367 N N   . ALA A 1 53 ? -5.137  -2.170  10.914  1.00 36.74 ? 53   ALA A N   1 
ATOM   368 C CA  . ALA A 1 53 ? -5.600  -1.429  12.084  1.00 39.72 ? 53   ALA A CA  1 
ATOM   369 C C   . ALA A 1 53 ? -5.367  -2.190  13.381  1.00 41.08 ? 53   ALA A C   1 
ATOM   370 O O   . ALA A 1 53 ? -5.161  -1.572  14.441  1.00 37.63 ? 53   ALA A O   1 
ATOM   371 C CB  . ALA A 1 53 ? -7.064  -1.070  11.973  1.00 34.84 ? 53   ALA A CB  1 
ATOM   372 N N   . SER A 1 54 ? -5.482  -3.515  13.322  1.00 36.81 ? 54   SER A N   1 
ATOM   373 C CA  . SER A 1 54 ? -5.132  -4.343  14.459  1.00 38.31 ? 54   SER A CA  1 
ATOM   374 C C   . SER A 1 54 ? -3.628  -4.357  14.793  1.00 37.74 ? 54   SER A C   1 
ATOM   375 O O   . SER A 1 54 ? -3.268  -4.588  15.912  1.00 35.95 ? 54   SER A O   1 
ATOM   376 C CB  . SER A 1 54 ? -5.671  -5.763  14.288  1.00 42.42 ? 54   SER A CB  1 
ATOM   377 O OG  . SER A 1 54 ? -4.844  -6.563  13.481  1.00 47.17 ? 54   SER A OG  1 
ATOM   378 N N   . LEU A 1 55 ? -2.763  -4.139  13.818  1.00 34.68 ? 55   LEU A N   1 
ATOM   379 C CA  . LEU A 1 55 ? -1.322  -4.106  14.026  1.00 36.00 ? 55   LEU A CA  1 
ATOM   380 C C   . LEU A 1 55 ? -0.669  -2.753  14.363  1.00 33.46 ? 55   LEU A C   1 
ATOM   381 O O   . LEU A 1 55 ? 0.373   -2.697  15.025  1.00 34.48 ? 55   LEU A O   1 
ATOM   382 C CB  . LEU A 1 55 ? -0.638  -4.654  12.780  1.00 36.58 ? 55   LEU A CB  1 
ATOM   383 C CG  . LEU A 1 55 ? -0.312  -6.152  12.917  1.00 42.88 ? 55   LEU A CG  1 
ATOM   384 C CD1 . LEU A 1 55 ? -1.589  -6.973  12.866  1.00 42.76 ? 55   LEU A CD1 1 
ATOM   385 C CD2 . LEU A 1 55 ? 0.634   -6.498  11.782  1.00 45.45 ? 55   LEU A CD2 1 
ATOM   386 N N   . PHE A 1 56 ? -1.280  -1.675  13.909  1.00 33.33 ? 56   PHE A N   1 
ATOM   387 C CA  . PHE A 1 56 ? -0.643  -0.367  13.937  1.00 36.02 ? 56   PHE A CA  1 
ATOM   388 C C   . PHE A 1 56 ? -1.660  0.672   14.451  1.00 40.03 ? 56   PHE A C   1 
ATOM   389 O O   . PHE A 1 56 ? -2.493  1.093   13.684  1.00 32.81 ? 56   PHE A O   1 
ATOM   390 C CB  . PHE A 1 56 ? -0.198  0.004   12.528  1.00 36.76 ? 56   PHE A CB  1 
ATOM   391 C CG  . PHE A 1 56 ? 0.716   -1.046  11.922  1.00 38.07 ? 56   PHE A CG  1 
ATOM   392 C CD1 . PHE A 1 56 ? 1.994   -1.223  12.424  1.00 42.60 ? 56   PHE A CD1 1 
ATOM   393 C CD2 . PHE A 1 56 ? 0.250   -1.856  10.893  1.00 44.30 ? 56   PHE A CD2 1 
ATOM   394 C CE1 . PHE A 1 56 ? 2.853   -2.217  11.878  1.00 40.42 ? 56   PHE A CE1 1 
ATOM   395 C CE2 . PHE A 1 56 ? 1.071   -2.861  10.375  1.00 43.61 ? 56   PHE A CE2 1 
ATOM   396 C CZ  . PHE A 1 56 ? 2.337   -3.027  10.888  1.00 38.82 ? 56   PHE A CZ  1 
ATOM   397 N N   . ASP A 1 57 ? -1.584  1.020   15.728  1.00 43.40 ? 57   ASP A N   1 
ATOM   398 C CA  . ASP A 1 57 ? -2.443  2.037   16.328  1.00 38.92 ? 57   ASP A CA  1 
ATOM   399 C C   . ASP A 1 57 ? -1.949  3.477   16.145  1.00 35.97 ? 57   ASP A C   1 
ATOM   400 O O   . ASP A 1 57 ? -2.638  4.431   16.540  1.00 39.43 ? 57   ASP A O   1 
ATOM   401 C CB  . ASP A 1 57 ? -2.682  1.726   17.792  1.00 41.41 ? 57   ASP A CB  1 
ATOM   402 C CG  . ASP A 1 57 ? -1.398  1.550   18.579  1.00 43.96 ? 57   ASP A CG  1 
ATOM   403 O OD1 . ASP A 1 57 ? -0.294  1.843   18.028  1.00 46.13 ? 57   ASP A OD1 1 
ATOM   404 O OD2 . ASP A 1 57 ? -1.501  1.097   19.744  1.00 49.67 ? 57   ASP A OD2 1 
ATOM   405 N N   . SER A 1 58 ? -0.782  3.628   15.531  1.00 35.22 ? 58   SER A N   1 
ATOM   406 C CA  . SER A 1 58 ? -0.189  4.924   15.222  1.00 39.26 ? 58   SER A CA  1 
ATOM   407 C C   . SER A 1 58 ? -0.670  5.527   13.894  1.00 35.70 ? 58   SER A C   1 
ATOM   408 O O   . SER A 1 58 ? -0.305  6.660   13.568  1.00 39.18 ? 58   SER A O   1 
ATOM   409 C CB  . SER A 1 58 ? 1.340   4.734   15.187  1.00 44.35 ? 58   SER A CB  1 
ATOM   410 O OG  . SER A 1 58 ? 1.661   3.627   14.320  1.00 49.00 ? 58   SER A OG  1 
ATOM   411 N N   . VAL A 1 59 ? -1.457  4.758   13.137  1.00 39.50 ? 59   VAL A N   1 
ATOM   412 C CA  . VAL A 1 59 ? -1.967  5.132   11.823  1.00 38.92 ? 59   VAL A CA  1 
ATOM   413 C C   . VAL A 1 59 ? -3.488  5.019   11.853  1.00 32.36 ? 59   VAL A C   1 
ATOM   414 O O   . VAL A 1 59 ? -4.062  3.986   12.271  1.00 38.12 ? 59   VAL A O   1 
ATOM   415 C CB  . VAL A 1 59 ? -1.449  4.226   10.698  1.00 38.12 ? 59   VAL A CB  1 
ATOM   416 C CG1 . VAL A 1 59 ? -1.690  4.953   9.259   1.00 41.12 ? 59   VAL A CG1 1 
ATOM   417 C CG2 . VAL A 1 59 ? 0.023   3.875   10.999  1.00 47.36 ? 59   VAL A CG2 1 
ATOM   418 N N   . SER A 1 60 ? -4.130  6.085   11.412  1.00 39.16 ? 60   SER A N   1 
ATOM   419 C CA  . SER A 1 60 ? -5.596  6.126   11.392  1.00 40.82 ? 60   SER A CA  1 
ATOM   420 C C   . SER A 1 60 ? -6.155  5.117   10.409  1.00 38.68 ? 60   SER A C   1 
ATOM   421 O O   . SER A 1 60 ? -5.513  4.761   9.395   1.00 36.80 ? 60   SER A O   1 
ATOM   422 C CB  . SER A 1 60 ? -6.101  7.544   11.054  1.00 35.62 ? 60   SER A CB  1 
ATOM   423 O OG  . SER A 1 60 ? -5.756  7.843   9.723   1.00 33.46 ? 60   SER A OG  1 
ATOM   424 N N   . ARG A 1 61 ? -7.385  4.673   10.666  1.00 35.08 ? 61   ARG A N   1 
ATOM   425 C CA  . ARG A 1 61 ? -8.054  3.808   9.701   1.00 36.37 ? 61   ARG A CA  1 
ATOM   426 C C   . ARG A 1 61 ? -8.277  4.533   8.372   1.00 38.03 ? 61   ARG A C   1 
ATOM   427 O O   . ARG A 1 61 ? -8.116  3.949   7.299   1.00 35.67 ? 61   ARG A O   1 
ATOM   428 C CB  . ARG A 1 61 ? -9.344  3.247   10.309  1.00 38.66 ? 61   ARG A CB  1 
ATOM   429 C CG  . ARG A 1 61 ? -10.138 2.481   9.403   1.00 39.31 ? 61   ARG A CG  1 
ATOM   430 C CD  . ARG A 1 61 ? -11.366 1.814   10.122  1.00 45.15 ? 61   ARG A CD  1 
ATOM   431 N NE  . ARG A 1 61 ? -11.780 0.772   9.202   1.00 53.27 ? 61   ARG A NE  1 
ATOM   432 C CZ  . ARG A 1 61 ? -11.650 -0.545  9.362   1.00 53.40 ? 61   ARG A CZ  1 
ATOM   433 N NH1 . ARG A 1 61 ? -11.225 -1.101  10.491  1.00 44.33 ? 61   ARG A NH1 1 
ATOM   434 N NH2 . ARG A 1 61 ? -12.051 -1.303  8.347   1.00 57.71 ? 61   ARG A NH2 1 
ATOM   435 N N   . ASP A 1 62 ? -8.588  5.818   8.418   1.00 37.18 ? 62   ASP A N   1 
ATOM   436 C CA  . ASP A 1 62 ? -8.745  6.577   7.180   1.00 37.38 ? 62   ASP A CA  1 
ATOM   437 C C   . ASP A 1 62 ? -7.458  6.517   6.352   1.00 39.03 ? 62   ASP A C   1 
ATOM   438 O O   . ASP A 1 62 ? -7.467  6.233   5.153   1.00 36.87 ? 62   ASP A O   1 
ATOM   439 C CB  . ASP A 1 62 ? -9.094  8.042   7.466   1.00 36.49 ? 62   ASP A CB  1 
ATOM   440 C CG  . ASP A 1 62 ? -9.400  8.797   6.201   1.00 41.88 ? 62   ASP A CG  1 
ATOM   441 O OD1 . ASP A 1 62 ? -10.472 8.557   5.618   1.00 48.32 ? 62   ASP A OD1 1 
ATOM   442 O OD2 . ASP A 1 62 ? -8.556  9.602   5.814   1.00 39.36 ? 62   ASP A OD2 1 
ATOM   443 N N   . THR A 1 63 ? -6.316  6.777   6.985   1.00 36.39 ? 63   THR A N   1 
ATOM   444 C CA  . THR A 1 63 ? -5.031  6.707   6.283   1.00 35.77 ? 63   THR A CA  1 
ATOM   445 C C   . THR A 1 63 ? -4.717  5.301   5.778   1.00 39.07 ? 63   THR A C   1 
ATOM   446 O O   . THR A 1 63 ? -4.328  5.117   4.600   1.00 40.05 ? 63   THR A O   1 
ATOM   447 C CB  . THR A 1 63 ? -3.905  7.249   7.177   1.00 36.66 ? 63   THR A CB  1 
ATOM   448 O OG1 . THR A 1 63 ? -4.153  8.635   7.323   1.00 38.09 ? 63   THR A OG1 1 
ATOM   449 C CG2 . THR A 1 63 ? -2.483  7.004   6.539   1.00 38.89 ? 63   THR A CG2 1 
ATOM   450 N N   . LEU A 1 64 ? -4.987  4.299   6.597   1.00 33.76 ? 64   LEU A N   1 
ATOM   451 C CA  . LEU A 1 64 ? -4.754  2.917   6.165   1.00 36.09 ? 64   LEU A CA  1 
ATOM   452 C C   . LEU A 1 64 ? -5.612  2.601   4.953   1.00 40.14 ? 64   LEU A C   1 
ATOM   453 O O   . LEU A 1 64 ? -5.170  1.947   4.006   1.00 38.33 ? 64   LEU A O   1 
ATOM   454 C CB  . LEU A 1 64 ? -5.048  1.889   7.269   1.00 37.47 ? 64   LEU A CB  1 
ATOM   455 C CG  . LEU A 1 64 ? -4.025  1.941   8.423   1.00 39.23 ? 64   LEU A CG  1 
ATOM   456 C CD1 . LEU A 1 64 ? -4.558  1.152   9.623   1.00 43.32 ? 64   LEU A CD1 1 
ATOM   457 C CD2 . LEU A 1 64 ? -2.692  1.391   7.913   1.00 37.93 ? 64   LEU A CD2 1 
ATOM   458 N N   . ALA A 1 65 ? -6.861  3.035   5.004   1.00 37.40 ? 65   ALA A N   1 
ATOM   459 C CA  . ALA A 1 65 ? -7.750  2.838   3.873   1.00 36.48 ? 65   ALA A CA  1 
ATOM   460 C C   . ALA A 1 65 ? -7.249  3.469   2.567   1.00 39.13 ? 65   ALA A C   1 
ATOM   461 O O   . ALA A 1 65 ? -7.311  2.856   1.504   1.00 39.07 ? 65   ALA A O   1 
ATOM   462 C CB  . ALA A 1 65 ? -9.183  3.305   4.196   1.00 37.58 ? 65   ALA A CB  1 
ATOM   463 N N   . ASN A 1 66 ? -6.737  4.687   2.629   1.00 36.96 ? 66   ASN A N   1 
ATOM   464 C CA  . ASN A 1 66 ? -6.130  5.301   1.466   1.00 39.69 ? 66   ASN A CA  1 
ATOM   465 C C   . ASN A 1 66 ? -4.982  4.478   0.904   1.00 40.35 ? 66   ASN A C   1 
ATOM   466 O O   . ASN A 1 66 ? -4.883  4.322   -0.317  1.00 37.46 ? 66   ASN A O   1 
ATOM   467 C CB  . ASN A 1 66 ? -5.632  6.674   1.825   1.00 42.94 ? 66   ASN A CB  1 
ATOM   468 C CG  . ASN A 1 66 ? -5.034  7.383   0.612   1.00 50.99 ? 66   ASN A CG  1 
ATOM   469 O OD1 . ASN A 1 66 ? -3.897  7.853   0.637   1.00 51.75 ? 66   ASN A OD1 1 
ATOM   470 N ND2 . ASN A 1 66 ? -5.831  7.466   -0.463  1.00 51.83 ? 66   ASN A ND2 1 
ATOM   471 N N   . VAL A 1 67 ? -4.123  3.994   1.781   1.00 38.94 ? 67   VAL A N   1 
ATOM   472 C CA  . VAL A 1 67 ? -2.938  3.225   1.392   1.00 39.19 ? 67   VAL A CA  1 
ATOM   473 C C   . VAL A 1 67 ? -3.423  1.937   0.753   1.00 43.06 ? 67   VAL A C   1 
ATOM   474 O O   . VAL A 1 67 ? -2.946  1.559   -0.321  1.00 38.73 ? 67   VAL A O   1 
ATOM   475 C CB  . VAL A 1 67 ? -2.018  2.899   2.548   1.00 40.70 ? 67   VAL A CB  1 
ATOM   476 C CG1 . VAL A 1 67 ? -0.890  1.906   2.084   1.00 38.17 ? 67   VAL A CG1 1 
ATOM   477 C CG2 . VAL A 1 67 ? -1.453  4.219   3.150   1.00 37.85 ? 67   VAL A CG2 1 
ATOM   478 N N   . VAL A 1 68 ? -4.353  1.263   1.417   1.00 37.70 ? 68   VAL A N   1 
ATOM   479 C CA  . VAL A 1 68 ? -4.906  0.015   0.857   1.00 38.06 ? 68   VAL A CA  1 
ATOM   480 C C   . VAL A 1 68 ? -5.601  0.210   -0.526  1.00 37.51 ? 68   VAL A C   1 
ATOM   481 O O   . VAL A 1 68 ? -5.397  -0.567  -1.498  1.00 39.77 ? 68   VAL A O   1 
ATOM   482 C CB  . VAL A 1 68 ? -5.776  -0.727  1.916   1.00 39.60 ? 68   VAL A CB  1 
ATOM   483 C CG1 . VAL A 1 68 ? -6.483  -1.888  1.246   1.00 40.08 ? 68   VAL A CG1 1 
ATOM   484 C CG2 . VAL A 1 68 ? -4.900  -1.176  3.143   1.00 42.75 ? 68   VAL A CG2 1 
ATOM   485 N N   . GLN A 1 69 ? -6.476  1.202   -0.642  1.00 39.73 ? 69   GLN A N   1 
ATOM   486 C CA  . GLN A 1 69 ? -7.081  1.597   -1.914  1.00 37.44 ? 69   GLN A CA  1 
ATOM   487 C C   . GLN A 1 69 ? -6.037  1.815   -3.001  1.00 36.97 ? 69   GLN A C   1 
ATOM   488 O O   . GLN A 1 69 ? -6.139  1.325   -4.115  1.00 38.48 ? 69   GLN A O   1 
ATOM   489 C CB  . GLN A 1 69 ? -7.933  2.858   -1.675  1.00 37.33 ? 69   GLN A CB  1 
ATOM   490 C CG  . GLN A 1 69 ? -9.167  2.547   -0.893  1.00 38.31 ? 69   GLN A CG  1 
ATOM   491 C CD  . GLN A 1 69 ? -10.002 3.791   -0.610  1.00 41.21 ? 69   GLN A CD  1 
ATOM   492 O OE1 . GLN A 1 69 ? -9.574  4.896   -0.943  1.00 44.47 ? 69   GLN A OE1 1 
ATOM   493 N NE2 . GLN A 1 69 ? -11.154 3.610   0.020   1.00 43.36 ? 69   GLN A NE2 1 
ATOM   494 N N   . THR A 1 70 ? -4.973  2.542   -2.678  1.00 40.69 ? 70   THR A N   1 
ATOM   495 C CA  . THR A 1 70 ? -3.942  2.806   -3.650  1.00 38.24 ? 70   THR A CA  1 
ATOM   496 C C   . THR A 1 70 ? -3.201  1.531   -4.076  1.00 40.51 ? 70   THR A C   1 
ATOM   497 O O   . THR A 1 70 ? -2.935  1.335   -5.268  1.00 39.79 ? 70   THR A O   1 
ATOM   498 C CB  . THR A 1 70 ? -2.889  3.743   -3.049  1.00 43.25 ? 70   THR A CB  1 
ATOM   499 O OG1 . THR A 1 70 ? -3.532  4.965   -2.719  1.00 44.53 ? 70   THR A OG1 1 
ATOM   500 C CG2 . THR A 1 70 ? -1.691  3.982   -4.001  1.00 44.97 ? 70   THR A CG2 1 
ATOM   501 N N   . ALA A 1 71 ? -2.989  0.641   -3.129  1.00 38.80 ? 71   ALA A N   1 
ATOM   502 C CA  . ALA A 1 71 ? -2.323  -0.624  -3.397  1.00 38.63 ? 71   ALA A CA  1 
ATOM   503 C C   . ALA A 1 71 ? -3.156  -1.450  -4.375  1.00 38.07 ? 71   ALA A C   1 
ATOM   504 O O   . ALA A 1 71 ? -2.611  -1.959  -5.326  1.00 37.50 ? 71   ALA A O   1 
ATOM   505 C CB  . ALA A 1 71 ? -2.142  -1.429  -2.104  1.00 39.17 ? 71   ALA A CB  1 
ATOM   506 N N   . PHE A 1 72 ? -4.441  -1.643  -4.106  1.00 36.31 ? 72   PHE A N   1 
ATOM   507 C CA  . PHE A 1 72 ? -5.216  -2.500  -4.992  1.00 35.83 ? 72   PHE A CA  1 
ATOM   508 C C   . PHE A 1 72 ? -5.297  -1.864  -6.371  1.00 38.33 ? 72   PHE A C   1 
ATOM   509 O O   . PHE A 1 72 ? -5.271  -2.503  -7.417  1.00 39.54 ? 72   PHE A O   1 
ATOM   510 C CB  . PHE A 1 72 ? -6.631  -2.700  -4.454  1.00 37.93 ? 72   PHE A CB  1 
ATOM   511 C CG  . PHE A 1 72 ? -6.801  -3.834  -3.475  1.00 38.02 ? 72   PHE A CG  1 
ATOM   512 C CD1 . PHE A 1 72 ? -6.957  -5.141  -3.902  1.00 39.57 ? 72   PHE A CD1 1 
ATOM   513 C CD2 . PHE A 1 72 ? -6.933  -3.572  -2.128  1.00 39.66 ? 72   PHE A CD2 1 
ATOM   514 C CE1 . PHE A 1 72 ? -7.161  -6.173  -2.974  1.00 41.47 ? 72   PHE A CE1 1 
ATOM   515 C CE2 . PHE A 1 72 ? -7.165  -4.591  -1.206  1.00 42.05 ? 72   PHE A CE2 1 
ATOM   516 C CZ  . PHE A 1 72 ? -7.288  -5.897  -1.634  1.00 40.62 ? 72   PHE A CZ  1 
ATOM   517 N N   . PHE A 1 73 ? -5.480  -0.553  -6.386  1.00 36.29 ? 73   PHE A N   1 
ATOM   518 C CA  . PHE A 1 73 ? -5.526  0.185   -7.606  1.00 36.21 ? 73   PHE A CA  1 
ATOM   519 C C   . PHE A 1 73 ? -4.249  0.016   -8.434  1.00 37.89 ? 73   PHE A C   1 
ATOM   520 O O   . PHE A 1 73 ? -4.276  -0.286  -9.653  1.00 39.96 ? 73   PHE A O   1 
ATOM   521 C CB  . PHE A 1 73 ? -5.860  1.647   -7.298  1.00 44.17 ? 73   PHE A CB  1 
ATOM   522 C CG  . PHE A 1 73 ? -6.453  2.388   -8.454  1.00 47.15 ? 73   PHE A CG  1 
ATOM   523 C CD1 . PHE A 1 73 ? -7.831  2.551   -8.623  1.00 43.07 ? 73   PHE A CD1 1 
ATOM   524 C CD2 . PHE A 1 73 ? -5.604  2.908   -9.413  1.00 51.39 ? 73   PHE A CD2 1 
ATOM   525 C CE1 . PHE A 1 73 ? -8.336  3.257   -9.702  1.00 46.72 ? 73   PHE A CE1 1 
ATOM   526 C CE2 . PHE A 1 73 ? -6.103  3.614   -10.511 1.00 47.23 ? 73   PHE A CE2 1 
ATOM   527 C CZ  . PHE A 1 73 ? -7.473  3.788   -10.642 1.00 50.33 ? 73   PHE A CZ  1 
ATOM   528 N N   . ALA A 1 74 ? -3.106  0.200   -7.783  1.00 36.16 ? 74   ALA A N   1 
ATOM   529 C CA  . ALA A 1 74 ? -1.795  0.051   -8.413  1.00 35.48 ? 74   ALA A CA  1 
ATOM   530 C C   . ALA A 1 74 ? -1.582  -1.366  -8.977  1.00 34.85 ? 74   ALA A C   1 
ATOM   531 O O   . ALA A 1 74 ? -1.096  -1.502  -10.103 1.00 39.24 ? 74   ALA A O   1 
ATOM   532 C CB  . ALA A 1 74 ? -0.704  0.391   -7.424  1.00 39.56 ? 74   ALA A CB  1 
ATOM   533 N N   . LEU A 1 75 ? -2.006  -2.385  -8.233  1.00 37.70 ? 75   LEU A N   1 
ATOM   534 C CA  . LEU A 1 75 ? -1.924  -3.770  -8.688  1.00 38.22 ? 75   LEU A CA  1 
ATOM   535 C C   . LEU A 1 75 ? -2.697  -3.962  -10.003 1.00 37.41 ? 75   LEU A C   1 
ATOM   536 O O   . LEU A 1 75 ? -2.192  -4.577  -10.940 1.00 35.45 ? 75   LEU A O   1 
ATOM   537 C CB  . LEU A 1 75 ? -2.429  -4.707  -7.574  1.00 40.70 ? 75   LEU A CB  1 
ATOM   538 C CG  . LEU A 1 75 ? -2.435  -6.209  -7.887  1.00 39.90 ? 75   LEU A CG  1 
ATOM   539 C CD1 . LEU A 1 75 ? -1.029  -6.697  -8.310  1.00 43.24 ? 75   LEU A CD1 1 
ATOM   540 C CD2 . LEU A 1 75 ? -3.006  -7.002  -6.677  1.00 43.26 ? 75   LEU A CD2 1 
ATOM   541 N N   . GLU A 1 76 ? -3.937  -3.462  -10.075 1.00 35.48 ? 76   GLU A N   1 
ATOM   542 C CA  . GLU A 1 76 ? -4.751  -3.588  -11.245 1.00 38.55 ? 76   GLU A CA  1 
ATOM   543 C C   . GLU A 1 76 ? -4.076  -2.893  -12.401 1.00 35.72 ? 76   GLU A C   1 
ATOM   544 O O   . GLU A 1 76 ? -3.943  -3.451  -13.485 1.00 36.32 ? 76   GLU A O   1 
ATOM   545 C CB  . GLU A 1 76 ? -6.136  -2.981  -11.004 1.00 37.44 ? 76   GLU A CB  1 
ATOM   546 C CG  . GLU A 1 76 ? -7.045  -3.089  -12.213 1.00 40.77 ? 76   GLU A CG  1 
ATOM   547 C CD  . GLU A 1 76 ? -7.204  -4.515  -12.737 1.00 44.62 ? 76   GLU A CD  1 
ATOM   548 O OE1 . GLU A 1 76 ? -7.245  -5.479  -11.935 1.00 42.79 ? 76   GLU A OE1 1 
ATOM   549 O OE2 . GLU A 1 76 ? -7.359  -4.648  -13.963 1.00 40.53 ? 76   GLU A OE2 1 
ATOM   550 N N   . ALA A 1 77 ? -3.572  -1.687  -12.145 1.00 38.39 ? 77   ALA A N   1 
ATOM   551 C CA  . ALA A 1 77 ? -2.872  -0.907  -13.158 1.00 35.86 ? 77   ALA A CA  1 
ATOM   552 C C   . ALA A 1 77 ? -1.676  -1.654  -13.710 1.00 35.68 ? 77   ALA A C   1 
ATOM   553 O O   . ALA A 1 77 ? -1.477  -1.765  -14.917 1.00 37.85 ? 77   ALA A O   1 
ATOM   554 C CB  . ALA A 1 77 ? -2.453  0.444   -12.618 1.00 40.42 ? 77   ALA A CB  1 
ATOM   555 N N   . LEU A 1 78 ? -0.867  -2.205  -12.813 1.00 38.20 ? 78   LEU A N   1 
ATOM   556 C CA  . LEU A 1 78 ? 0.210   -3.055  -13.238 1.00 38.14 ? 78   LEU A CA  1 
ATOM   557 C C   . LEU A 1 78 ? -0.230  -4.215  -14.161 1.00 38.02 ? 78   LEU A C   1 
ATOM   558 O O   . LEU A 1 78 ? 0.404   -4.439  -15.202 1.00 35.98 ? 78   LEU A O   1 
ATOM   559 C CB  . LEU A 1 78 ? 0.930   -3.607  -12.019 1.00 35.49 ? 78   LEU A CB  1 
ATOM   560 C CG  . LEU A 1 78 ? 1.753   -2.597  -11.208 1.00 39.59 ? 78   LEU A CG  1 
ATOM   561 C CD1 . LEU A 1 78 ? 2.145   -3.303  -9.928  1.00 39.34 ? 78   LEU A CD1 1 
ATOM   562 C CD2 . LEU A 1 78 ? 3.009   -2.146  -12.029 1.00 44.36 ? 78   LEU A CD2 1 
ATOM   563 N N   . GLN A 1 79 ? -1.266  -4.957  -13.762 1.00 36.38 ? 79   GLN A N   1 
ATOM   564 C CA  . GLN A 1 79 ? -1.839  -6.043  -14.584 1.00 42.41 ? 79   GLN A CA  1 
ATOM   565 C C   . GLN A 1 79 ? -2.309  -5.592  -15.973 1.00 36.98 ? 79   GLN A C   1 
ATOM   566 O O   . GLN A 1 79 ? -2.256  -6.347  -16.946 1.00 32.74 ? 79   GLN A O   1 
ATOM   567 C CB  . GLN A 1 79 ? -2.980  -6.736  -13.818 1.00 48.47 ? 79   GLN A CB  1 
ATOM   568 C CG  . GLN A 1 79 ? -2.493  -7.649  -12.676 1.00 49.98 ? 79   GLN A CG  1 
ATOM   569 C CD  . GLN A 1 79 ? -3.571  -7.985  -11.649 1.00 56.75 ? 79   GLN A CD  1 
ATOM   570 O OE1 . GLN A 1 79 ? -4.588  -7.296  -11.538 1.00 60.66 ? 79   GLN A OE1 1 
ATOM   571 N NE2 . GLN A 1 79 ? -3.347  -9.049  -10.883 1.00 60.72 ? 79   GLN A NE2 1 
ATOM   572 N N   . GLN A 1 80 ? -2.732  -4.340  -16.084 1.00 34.67 ? 80   GLN A N   1 
ATOM   573 C CA  . GLN A 1 80 ? -3.155  -3.785  -17.353 1.00 43.13 ? 80   GLN A CA  1 
ATOM   574 C C   . GLN A 1 80 ? -1.959  -3.271  -18.142 1.00 46.32 ? 80   GLN A C   1 
ATOM   575 O O   . GLN A 1 80 ? -2.106  -2.786  -19.259 1.00 38.17 ? 80   GLN A O   1 
ATOM   576 C CB  . GLN A 1 80 ? -4.169  -2.680  -17.093 1.00 40.12 ? 80   GLN A CB  1 
ATOM   577 C CG  . GLN A 1 80 ? -5.412  -3.217  -16.430 1.00 41.70 ? 80   GLN A CG  1 
ATOM   578 C CD  . GLN A 1 80 ? -6.436  -2.122  -16.163 1.00 49.53 ? 80   GLN A CD  1 
ATOM   579 O OE1 . GLN A 1 80 ? -6.242  -0.961  -16.536 1.00 55.26 ? 80   GLN A OE1 1 
ATOM   580 N NE2 . GLN A 1 80 ? -7.535  -2.492  -15.512 1.00 48.63 ? 80   GLN A NE2 1 
ATOM   581 N N   . GLY A 1 81 ? -0.769  -3.374  -17.557 1.00 41.89 ? 81   GLY A N   1 
ATOM   582 C CA  . GLY A 1 81 ? 0.465   -3.105  -18.285 1.00 41.00 ? 81   GLY A CA  1 
ATOM   583 C C   . GLY A 1 81 ? 1.070   -1.739  -18.042 1.00 41.02 ? 81   GLY A C   1 
ATOM   584 O O   . GLY A 1 81 ? 2.047   -1.362  -18.703 1.00 37.85 ? 81   GLY A O   1 
ATOM   585 N N   . GLU A 1 82 ? 0.504   -0.996  -17.097 1.00 48.41 ? 82   GLU A N   1 
ATOM   586 C CA  . GLU A 1 82 ? 1.059   0.286   -16.704 1.00 45.19 ? 82   GLU A CA  1 
ATOM   587 C C   . GLU A 1 82 ? 2.428   0.030   -16.076 1.00 42.71 ? 82   GLU A C   1 
ATOM   588 O O   . GLU A 1 82 ? 2.634   -0.979  -15.400 1.00 44.40 ? 82   GLU A O   1 
ATOM   589 C CB  . GLU A 1 82 ? 0.080   0.978   -15.753 1.00 48.82 ? 82   GLU A CB  1 
ATOM   590 C CG  . GLU A 1 82 ? 0.603   2.204   -15.007 1.00 56.66 ? 82   GLU A CG  1 
ATOM   591 C CD  . GLU A 1 82 ? 0.870   3.405   -15.897 1.00 64.59 ? 82   GLU A CD  1 
ATOM   592 O OE1 . GLU A 1 82 ? 1.499   3.235   -16.967 1.00 59.59 ? 82   GLU A OE1 1 
ATOM   593 O OE2 . GLU A 1 82 ? 0.471   4.523   -15.492 1.00 72.66 ? 82   GLU A OE2 1 
ATOM   594 N N   . SER A 1 83 ? 3.379   0.928   -16.323 1.00 42.35 ? 83   SER A N   1 
ATOM   595 C CA  . SER A 1 83 ? 4.737   0.753   -15.809 1.00 44.26 ? 83   SER A CA  1 
ATOM   596 C C   . SER A 1 83 ? 4.825   1.139   -14.314 1.00 36.59 ? 83   SER A C   1 
ATOM   597 O O   . SER A 1 83 ? 4.161   2.088   -13.850 1.00 37.92 ? 83   SER A O   1 
ATOM   598 C CB  . SER A 1 83 ? 5.757   1.538   -16.703 1.00 41.44 ? 83   SER A CB  1 
ATOM   599 O OG  . SER A 1 83 ? 5.920   2.880   -16.176 1.00 51.18 ? 83   SER A OG  1 
ATOM   600 N N   . ALA A 1 84 ? 5.597   0.395   -13.515 1.00 40.76 ? 84   ALA A N   1 
ATOM   601 C CA  . ALA A 1 84 ? 5.815   0.738   -12.114 1.00 39.45 ? 84   ALA A CA  1 
ATOM   602 C C   . ALA A 1 84 ? 6.416   2.143   -11.936 1.00 41.97 ? 84   ALA A C   1 
ATOM   603 O O   . ALA A 1 84 ? 6.034   2.851   -11.017 1.00 38.94 ? 84   ALA A O   1 
ATOM   604 C CB  . ALA A 1 84 ? 6.738   -0.289  -11.417 1.00 39.76 ? 84   ALA A CB  1 
ATOM   605 N N   . GLU A 1 85 ? 7.334   2.555   -12.804 1.00 38.39 ? 85   GLU A N   1 
ATOM   606 C CA  . GLU A 1 85 ? 7.885   3.925   -12.762 1.00 41.05 ? 85   GLU A CA  1 
ATOM   607 C C   . GLU A 1 85 ? 6.796   4.978   -12.795 1.00 43.33 ? 85   GLU A C   1 
ATOM   608 O O   . GLU A 1 85 ? 6.798   5.895   -11.979 1.00 41.66 ? 85   GLU A O   1 
ATOM   609 C CB  . GLU A 1 85 ? 8.808   4.192   -13.956 1.00 43.42 ? 85   GLU A CB  1 
ATOM   610 C CG  . GLU A 1 85 ? 10.159  3.597   -13.718 1.00 48.76 ? 85   GLU A CG  1 
ATOM   611 C CD  . GLU A 1 85 ? 11.046  3.861   -14.950 1.00 49.16 ? 85   GLU A CD  1 
ATOM   612 O OE1 . GLU A 1 85 ? 11.389  5.091   -15.249 1.00 46.63 ? 85   GLU A OE1 1 
ATOM   613 O OE2 . GLU A 1 85 ? 11.403  2.797   -15.584 1.00 52.95 ? 85   GLU A OE2 1 
ATOM   614 N N   . ASN A 1 86 ? 5.883   4.843   -13.764 1.00 45.50 ? 86   ASN A N   1 
ATOM   615 C CA  . ASN A 1 86 ? 4.818   5.815   -13.967 1.00 46.12 ? 86   ASN A CA  1 
ATOM   616 C C   . ASN A 1 86 ? 3.967   5.886   -12.701 1.00 43.26 ? 86   ASN A C   1 
ATOM   617 O O   . ASN A 1 86 ? 3.552   6.974   -12.257 1.00 42.24 ? 86   ASN A O   1 
ATOM   618 C CB  . ASN A 1 86 ? 3.919   5.453   -15.168 1.00 41.84 ? 86   ASN A CB  1 
ATOM   619 C CG  . ASN A 1 86 ? 4.591   5.641   -16.525 1.00 47.70 ? 86   ASN A CG  1 
ATOM   620 O OD1 . ASN A 1 86 ? 4.196   4.985   -17.506 1.00 48.89 ? 86   ASN A OD1 1 
ATOM   621 N ND2 . ASN A 1 86 ? 5.589   6.548   -16.602 1.00 47.14 ? 86   ASN A ND2 1 
ATOM   622 N N   . ILE A 1 87 ? 3.730   4.720   -12.094 1.00 37.75 ? 87   ILE A N   1 
ATOM   623 C CA  . ILE A 1 87 ? 2.922   4.656   -10.893 1.00 38.10 ? 87   ILE A CA  1 
ATOM   624 C C   . ILE A 1 87 ? 3.612   5.331   -9.698  1.00 39.70 ? 87   ILE A C   1 
ATOM   625 O O   . ILE A 1 87 ? 3.010   6.117   -8.968  1.00 41.39 ? 87   ILE A O   1 
ATOM   626 C CB  . ILE A 1 87 ? 2.493   3.198   -10.567 1.00 40.32 ? 87   ILE A CB  1 
ATOM   627 C CG1 . ILE A 1 87 ? 1.668   2.615   -11.730 1.00 40.41 ? 87   ILE A CG1 1 
ATOM   628 C CG2 . ILE A 1 87 ? 1.792   3.181   -9.213  1.00 38.89 ? 87   ILE A CG2 1 
ATOM   629 C CD1 . ILE A 1 87 ? 1.194   1.196   -11.480 1.00 41.27 ? 87   ILE A CD1 1 
ATOM   630 N N   . VAL A 1 88 ? 4.891   5.025   -9.524  1.00 43.22 ? 88   VAL A N   1 
ATOM   631 C CA  . VAL A 1 88 ? 5.740   5.715   -8.556  1.00 45.51 ? 88   VAL A CA  1 
ATOM   632 C C   . VAL A 1 88 ? 5.764   7.235   -8.773  1.00 40.85 ? 88   VAL A C   1 
ATOM   633 O O   . VAL A 1 88 ? 5.596   7.979   -7.819  1.00 42.27 ? 88   VAL A O   1 
ATOM   634 C CB  . VAL A 1 88 ? 7.170   5.173   -8.626  1.00 39.29 ? 88   VAL A CB  1 
ATOM   635 C CG1 . VAL A 1 88 ? 8.126   6.031   -7.760  1.00 40.37 ? 88   VAL A CG1 1 
ATOM   636 C CG2 . VAL A 1 88 ? 7.246   3.715   -8.140  1.00 39.36 ? 88   VAL A CG2 1 
ATOM   637 N N   . SER A 1 89 ? 5.938   7.686   -10.016 1.00 42.18 ? 89   SER A N   1 
ATOM   638 C CA  . SER A 1 89 ? 5.975   9.119   -10.272 1.00 43.82 ? 89   SER A CA  1 
ATOM   639 C C   . SER A 1 89 ? 4.659   9.789   -9.818  1.00 44.05 ? 89   SER A C   1 
ATOM   640 O O   . SER A 1 89 ? 4.696   10.861  -9.229  1.00 39.69 ? 89   SER A O   1 
ATOM   641 C CB  . SER A 1 89 ? 6.349   9.438   -11.740 1.00 52.35 ? 89   SER A CB  1 
ATOM   642 O OG  . SER A 1 89 ? 7.746   9.743   -11.799 1.00 54.90 ? 89   SER A OG  1 
ATOM   643 N N   . LYS A 1 90 ? 3.526   9.125   -10.019 1.00 39.70 ? 90   LYS A N   1 
ATOM   644 C CA  . LYS A 1 90 ? 2.213   9.648   -9.626  1.00 41.12 ? 90   LYS A CA  1 
ATOM   645 C C   . LYS A 1 90 ? 2.114   9.761   -8.096  1.00 36.52 ? 90   LYS A C   1 
ATOM   646 O O   . LYS A 1 90 ? 1.640   10.775  -7.572  1.00 34.11 ? 90   LYS A O   1 
ATOM   647 C CB  . LYS A 1 90 ? 1.087   8.751   -10.171 1.00 40.56 ? 90   LYS A CB  1 
ATOM   648 C CG  . LYS A 1 90 ? 0.726   8.948   -11.668 1.00 48.19 ? 90   LYS A CG  1 
ATOM   649 C CD  . LYS A 1 90 ? -0.185  7.817   -12.150 1.00 45.26 ? 90   LYS A CD  1 
ATOM   650 C CE  . LYS A 1 90 ? -0.027  7.489   -13.635 1.00 47.83 ? 90   LYS A CE  1 
ATOM   651 N NZ  . LYS A 1 90 ? 0.031   8.714   -14.461 1.00 44.84 ? 90   LYS A NZ  1 
ATOM   652 N N   . ILE A 1 91 ? 2.570   8.727   -7.392  1.00 40.54 ? 91   ILE A N   1 
ATOM   653 C CA  . ILE A 1 91 ? 2.523   8.692   -5.929  1.00 38.23 ? 91   ILE A CA  1 
ATOM   654 C C   . ILE A 1 91 ? 3.407   9.764   -5.318  1.00 33.45 ? 91   ILE A C   1 
ATOM   655 O O   . ILE A 1 91 ? 3.008   10.416  -4.342  1.00 36.69 ? 91   ILE A O   1 
ATOM   656 C CB  . ILE A 1 91 ? 2.933   7.300   -5.393  1.00 43.94 ? 91   ILE A CB  1 
ATOM   657 C CG1 . ILE A 1 91 ? 1.789   6.300   -5.635  1.00 46.35 ? 91   ILE A CG1 1 
ATOM   658 C CG2 . ILE A 1 91 ? 3.345   7.390   -3.892  1.00 40.84 ? 91   ILE A CG2 1 
ATOM   659 C CD1 . ILE A 1 91 ? 2.229   4.865   -5.776  1.00 46.20 ? 91   ILE A CD1 1 
ATOM   660 N N   . ARG A 1 92 ? 4.606   9.932   -5.878  1.00 36.48 ? 92   ARG A N   1 
ATOM   661 C CA  . ARG A 1 92 ? 5.544   10.955  -5.426  1.00 40.72 ? 92   ARG A CA  1 
ATOM   662 C C   . ARG A 1 92 ? 5.079   12.386  -5.687  1.00 37.75 ? 92   ARG A C   1 
ATOM   663 O O   . ARG A 1 92 ? 5.270   13.249  -4.835  1.00 39.69 ? 92   ARG A O   1 
ATOM   664 C CB  . ARG A 1 92 ? 6.910   10.738  -6.060  1.00 41.52 ? 92   ARG A CB  1 
ATOM   665 C CG  . ARG A 1 92 ? 7.663   9.529   -5.480  1.00 37.38 ? 92   ARG A CG  1 
ATOM   666 C CD  . ARG A 1 92 ? 8.995   9.334   -6.181  1.00 40.49 ? 92   ARG A CD  1 
ATOM   667 N NE  . ARG A 1 92 ? 9.669   8.129   -5.686  1.00 37.64 ? 92   ARG A NE  1 
ATOM   668 C CZ  . ARG A 1 92 ? 10.822  7.673   -6.175  1.00 35.60 ? 92   ARG A CZ  1 
ATOM   669 N NH1 . ARG A 1 92 ? 11.404  8.274   -7.201  1.00 34.70 ? 92   ARG A NH1 1 
ATOM   670 N NH2 . ARG A 1 92 ? 11.333  6.528   -5.742  1.00 34.05 ? 92   ARG A NH2 1 
ATOM   671 N N   . MET A 1 93 ? 4.453   12.638  -6.833  1.00 39.10 ? 93   MET A N   1 
ATOM   672 C CA  . MET A 1 93 ? 3.870   13.961  -7.103  1.00 46.46 ? 93   MET A CA  1 
ATOM   673 C C   . MET A 1 93 ? 2.950   14.324  -5.933  1.00 44.62 ? 93   MET A C   1 
ATOM   674 O O   . MET A 1 93 ? 3.066   15.403  -5.350  1.00 44.65 ? 93   MET A O   1 
ATOM   675 C CB  . MET A 1 93 ? 3.027   13.999  -8.391  1.00 49.23 ? 93   MET A CB  1 
ATOM   676 C CG  . MET A 1 93 ? 3.692   13.588  -9.700  1.00 53.73 ? 93   MET A CG  1 
ATOM   677 S SD  . MET A 1 93 ? 4.296   14.899  -10.781 1.00 60.90 ? 93   MET A SD  1 
ATOM   678 C CE  . MET A 1 93 ? 6.073   14.607  -10.816 1.00 52.98 ? 93   MET A CE  1 
ATOM   679 N N   . MET A 1 94 ? 2.047   13.405  -5.597  1.00 40.10 ? 94   MET A N   1 
ATOM   680 C CA  . MET A 1 94 ? 0.961   13.664  -4.653  1.00 48.99 ? 94   MET A CA  1 
ATOM   681 C C   . MET A 1 94 ? 1.447   13.991  -3.241  1.00 46.35 ? 94   MET A C   1 
ATOM   682 O O   . MET A 1 94 ? 0.708   14.545  -2.416  1.00 40.62 ? 94   MET A O   1 
ATOM   683 C CB  . MET A 1 94 ? 0.029   12.449  -4.598  1.00 55.53 ? 94   MET A CB  1 
ATOM   684 C CG  . MET A 1 94 ? -0.531  12.036  -5.953  1.00 58.75 ? 94   MET A CG  1 
ATOM   685 S SD  . MET A 1 94 ? -1.762  10.720  -5.852  1.00 62.70 ? 94   MET A SD  1 
ATOM   686 C CE  . MET A 1 94 ? -2.171  10.460  -7.587  1.00 61.23 ? 94   MET A CE  1 
ATOM   687 N N   . ASN A 1 95 ? 2.593   13.702  -2.892  1.00 50.12 ? 95   ASN A N   1 
HETATM 688 O O   . HOH B 2 .  ? 4.122   -12.217 -9.337  1.00 50.37 ? 2001 HOH A O   1 
HETATM 689 O O   . HOH B 2 .  ? 4.248   -11.424 -11.537 1.00 51.58 ? 2002 HOH A O   1 
HETATM 690 O O   . HOH B 2 .  ? 1.280   -10.764 -8.517  1.00 68.49 ? 2003 HOH A O   1 
HETATM 691 O O   . HOH B 2 .  ? 13.197  -1.628  -8.284  1.00 41.93 ? 2004 HOH A O   1 
HETATM 692 O O   . HOH B 2 .  ? 11.975  -3.758  -11.886 1.00 60.14 ? 2005 HOH A O   1 
HETATM 693 O O   . HOH B 2 .  ? 9.840   1.083   -10.181 1.00 48.53 ? 2006 HOH A O   1 
HETATM 694 O O   . HOH B 2 .  ? 11.058  -6.399  -10.447 1.00 60.69 ? 2007 HOH A O   1 
HETATM 695 O O   . HOH B 2 .  ? 7.325   -6.591  -9.829  1.00 49.56 ? 2008 HOH A O   1 
HETATM 696 O O   . HOH B 2 .  ? 9.751   -4.658  -13.445 1.00 59.91 ? 2009 HOH A O   1 
HETATM 697 O O   . HOH B 2 .  ? 11.852  -1.776  -10.556 1.00 50.11 ? 2010 HOH A O   1 
HETATM 698 O O   . HOH B 2 .  ? 10.758  -3.536  -1.770  1.00 50.41 ? 2011 HOH A O   1 
HETATM 699 O O   . HOH B 2 .  ? 10.791  0.012   -1.398  1.00 28.85 ? 2012 HOH A O   1 
HETATM 700 O O   . HOH B 2 .  ? 9.019   -2.107  -0.213  1.00 41.14 ? 2013 HOH A O   1 
HETATM 701 O O   . HOH B 2 .  ? 9.819   4.305   0.749   1.00 32.47 ? 2014 HOH A O   1 
HETATM 702 O O   . HOH B 2 .  ? 5.067   9.737   -1.414  1.00 55.78 ? 2015 HOH A O   1 
HETATM 703 O O   . HOH B 2 .  ? 10.772  2.911   -1.402  1.00 29.76 ? 2016 HOH A O   1 
HETATM 704 O O   . HOH B 2 .  ? 7.767   8.021   -1.967  1.00 48.12 ? 2017 HOH A O   1 
HETATM 705 O O   . HOH B 2 .  ? 1.349   9.242   0.945   1.00 48.70 ? 2018 HOH A O   1 
HETATM 706 O O   . HOH B 2 .  ? -1.395  8.486   -3.925  1.00 56.36 ? 2019 HOH A O   1 
HETATM 707 O O   . HOH B 2 .  ? 5.991   8.293   6.144   1.00 46.27 ? 2020 HOH A O   1 
HETATM 708 O O   . HOH B 2 .  ? -1.098  11.834  8.042   1.00 44.12 ? 2021 HOH A O   1 
HETATM 709 O O   . HOH B 2 .  ? 2.030   8.555   13.861  1.00 50.64 ? 2022 HOH A O   1 
HETATM 710 O O   . HOH B 2 .  ? 5.705   11.786  13.996  0.50 68.19 ? 2023 HOH A O   1 
HETATM 711 O O   . HOH B 2 .  ? 2.487   6.145   12.272  1.00 52.75 ? 2024 HOH A O   1 
HETATM 712 O O   . HOH B 2 .  ? 3.673   7.688   15.664  1.00 68.02 ? 2025 HOH A O   1 
HETATM 713 O O   . HOH B 2 .  ? 6.587   8.647   14.042  1.00 57.20 ? 2026 HOH A O   1 
HETATM 714 O O   . HOH B 2 .  ? -2.363  9.839   14.623  1.00 53.06 ? 2027 HOH A O   1 
HETATM 715 O O   . HOH B 2 .  ? 11.976  -3.780  8.107   1.00 55.97 ? 2028 HOH A O   1 
HETATM 716 O O   . HOH B 2 .  ? -12.534 -0.351  4.209   1.00 56.16 ? 2029 HOH A O   1 
HETATM 717 O O   . HOH B 2 .  ? -12.587 4.934   8.033   1.00 41.02 ? 2030 HOH A O   1 
HETATM 718 O O   . HOH B 2 .  ? 10.806  2.961   8.158   1.00 44.96 ? 2031 HOH A O   1 
HETATM 719 O O   . HOH B 2 .  ? 10.989  -0.837  1.541   1.00 55.18 ? 2032 HOH A O   1 
HETATM 720 O O   . HOH B 2 .  ? 8.794   -4.039  1.437   1.00 43.52 ? 2033 HOH A O   1 
HETATM 721 O O   . HOH B 2 .  ? -6.926  -7.650  -6.486  1.00 51.35 ? 2034 HOH A O   1 
HETATM 722 O O   . HOH B 2 .  ? 10.849  -6.053  1.685   1.00 53.78 ? 2035 HOH A O   1 
HETATM 723 O O   . HOH B 2 .  ? 4.993   -9.915  1.342   1.00 44.87 ? 2036 HOH A O   1 
HETATM 724 O O   . HOH B 2 .  ? 10.013  -7.962  3.995   1.00 62.28 ? 2037 HOH A O   1 
HETATM 725 O O   . HOH B 2 .  ? 10.603  -2.497  -13.926 1.00 64.62 ? 2038 HOH A O   1 
HETATM 726 O O   . HOH B 2 .  ? -5.878  -11.304 3.279   1.00 44.92 ? 2039 HOH A O   1 
HETATM 727 O O   . HOH B 2 .  ? 8.256   12.830  -9.242  1.00 52.69 ? 2040 HOH A O   1 
HETATM 728 O O   . HOH B 2 .  ? -11.216 -11.422 -1.496  1.00 47.26 ? 2041 HOH A O   1 
HETATM 729 O O   . HOH B 2 .  ? -11.371 -11.297 2.987   1.00 49.61 ? 2042 HOH A O   1 
HETATM 730 O O   . HOH B 2 .  ? -6.981  -9.808  4.615   1.00 41.03 ? 2043 HOH A O   1 
HETATM 731 O O   . HOH B 2 .  ? -5.110  -11.039 12.533  1.00 53.46 ? 2044 HOH A O   1 
HETATM 732 O O   . HOH B 2 .  ? -1.183  9.193   12.218  1.00 38.37 ? 2045 HOH A O   1 
HETATM 733 O O   . HOH B 2 .  ? -7.022  10.818  9.579   1.00 37.72 ? 2046 HOH A O   1 
HETATM 734 O O   . HOH B 2 .  ? -12.030 1.544   6.931   1.00 50.36 ? 2047 HOH A O   1 
HETATM 735 O O   . HOH B 2 .  ? -9.624  6.859   3.355   1.00 49.63 ? 2048 HOH A O   1 
HETATM 736 O O   . HOH B 2 .  ? -2.409  9.181   9.710   1.00 39.28 ? 2049 HOH A O   1 
HETATM 737 O O   . HOH B 2 .  ? -9.298  7.060   0.358   1.00 45.50 ? 2050 HOH A O   1 
HETATM 738 O O   . HOH B 2 .  ? -8.098  6.134   -2.825  1.00 48.70 ? 2051 HOH A O   1 
HETATM 739 O O   . HOH B 2 .  ? -6.178  -5.292  -7.396  1.00 39.91 ? 2052 HOH A O   1 
HETATM 740 O O   . HOH B 2 .  ? 2.932   -3.815  -15.555 1.00 52.57 ? 2053 HOH A O   1 
HETATM 741 O O   . HOH B 2 .  ? -1.699  5.124   -12.943 1.00 69.28 ? 2054 HOH A O   1 
HETATM 742 O O   . HOH B 2 .  ? 8.051   3.130   -17.949 1.00 49.17 ? 2055 HOH A O   1 
HETATM 743 O O   . HOH B 2 .  ? 6.668   -1.634  -14.875 1.00 53.82 ? 2056 HOH A O   1 
HETATM 744 O O   . HOH B 2 .  ? 8.967   0.456   -14.448 1.00 49.41 ? 2057 HOH A O   1 
HETATM 745 O O   . HOH B 2 .  ? 7.417   12.061  -11.359 1.00 47.52 ? 2058 HOH A O   1 
HETATM 746 O O   . HOH B 2 .  ? 6.152   12.797  -8.905  1.00 64.65 ? 2059 HOH A O   1 
# 
